data_1QIP
#
_entry.id   1QIP
#
_cell.length_a   67.300
_cell.length_b   67.300
_cell.length_c   167.700
_cell.angle_alpha   90.00
_cell.angle_beta   90.00
_cell.angle_gamma   90.00
#
_symmetry.space_group_name_H-M   'P 43'
#
loop_
_entity.id
_entity.type
_entity.pdbx_description
1 polymer 'PROTEIN (LACTOYLGLUTATHIONE LYASE)'
2 non-polymer 'ZINC ION'
3 non-polymer S-P-NITROBENZYLOXYCARBONYLGLUTATHIONE
4 non-polymer BETA-MERCAPTOETHANOL
5 water water
#
_entity_poly.entity_id   1
_entity_poly.type   'polypeptide(L)'
_entity_poly.pdbx_seq_one_letter_code
;AEPQPPSGGLTDEAALSCCSDADPSTKDFLLQQTMLRVKDPKKSLDFYTRVLGMTLIQKCDFPIMKFSLYFLAYEDKNDI
PKEKDEKIAWALSRKATLELTHNWGTEDDETQSYHNGNSDPRGFGHIGIAVPDVYSACKRFEELGVKFVKKPDDGKMKGL
AFIQDPDGYWIEILNPNKMATLM
;
_entity_poly.pdbx_strand_id   A,B,C,D
#
# COMPACT_ATOMS: atom_id res chain seq x y z
N GLY A 8 12.37 -25.50 -11.74
CA GLY A 8 13.78 -25.14 -11.64
C GLY A 8 14.04 -23.82 -12.38
N GLY A 9 15.28 -23.64 -12.82
CA GLY A 9 15.65 -22.41 -13.49
C GLY A 9 15.50 -22.53 -15.01
N LEU A 10 15.64 -21.41 -15.71
CA LEU A 10 15.55 -21.47 -17.16
C LEU A 10 16.92 -21.91 -17.67
N THR A 11 16.95 -22.58 -18.81
CA THR A 11 18.23 -22.88 -19.45
C THR A 11 18.71 -21.61 -20.16
N ASP A 12 19.98 -21.57 -20.57
CA ASP A 12 20.47 -20.40 -21.31
C ASP A 12 19.70 -20.21 -22.60
N GLU A 13 19.46 -21.28 -23.36
CA GLU A 13 18.70 -21.20 -24.60
C GLU A 13 17.27 -20.71 -24.37
N ALA A 14 16.60 -21.19 -23.35
CA ALA A 14 15.23 -20.77 -23.07
C ALA A 14 15.21 -19.28 -22.71
N ALA A 15 16.14 -18.85 -21.86
CA ALA A 15 16.20 -17.44 -21.50
C ALA A 15 16.37 -16.56 -22.74
N LEU A 16 17.27 -16.93 -23.66
CA LEU A 16 17.48 -16.15 -24.86
C LEU A 16 16.28 -16.15 -25.80
N SER A 17 15.55 -17.28 -25.86
CA SER A 17 14.35 -17.35 -26.68
C SER A 17 13.29 -16.37 -26.20
N CYS A 18 13.26 -16.09 -24.90
CA CYS A 18 12.35 -15.13 -24.32
C CYS A 18 12.78 -13.69 -24.59
N CYS A 19 14.00 -13.46 -25.07
CA CYS A 19 14.45 -12.12 -25.37
C CYS A 19 14.21 -11.72 -26.82
N SER A 20 13.96 -10.44 -27.04
CA SER A 20 13.79 -9.91 -28.40
C SER A 20 14.89 -8.89 -28.70
N ASP A 21 15.17 -8.72 -30.00
CA ASP A 21 16.11 -7.69 -30.40
C ASP A 21 15.51 -6.31 -30.07
N ALA A 22 16.38 -5.34 -29.84
CA ALA A 22 15.93 -3.99 -29.54
C ALA A 22 15.24 -3.37 -30.75
N ASP A 23 14.00 -2.93 -30.55
CA ASP A 23 13.29 -2.24 -31.64
C ASP A 23 14.02 -0.96 -31.94
N PRO A 24 14.03 -0.49 -33.20
CA PRO A 24 14.68 0.76 -33.56
C PRO A 24 14.13 1.95 -32.78
N SER A 25 12.87 1.90 -32.35
CA SER A 25 12.23 2.95 -31.59
C SER A 25 12.84 3.10 -30.20
N THR A 26 13.60 2.13 -29.72
CA THR A 26 14.23 2.24 -28.41
C THR A 26 15.68 2.72 -28.54
N LYS A 27 16.07 3.15 -29.75
CA LYS A 27 17.43 3.63 -29.92
C LYS A 27 17.65 4.84 -28.99
N ASP A 28 18.80 4.81 -28.34
CA ASP A 28 19.23 5.86 -27.44
C ASP A 28 18.53 5.79 -26.08
N PHE A 29 17.66 4.81 -25.84
CA PHE A 29 17.08 4.72 -24.48
C PHE A 29 18.22 4.42 -23.51
N LEU A 30 18.13 4.94 -22.29
CA LEU A 30 19.15 4.68 -21.28
C LEU A 30 18.50 4.55 -19.90
N LEU A 31 19.13 3.72 -19.08
CA LEU A 31 18.63 3.47 -17.72
C LEU A 31 19.20 4.56 -16.84
N GLN A 32 18.40 5.56 -16.58
CA GLN A 32 18.83 6.81 -15.98
C GLN A 32 18.87 6.89 -14.47
N GLN A 33 17.88 6.27 -13.83
CA GLN A 33 17.79 6.43 -12.39
C GLN A 33 17.11 5.30 -11.65
N THR A 34 17.42 5.26 -10.37
CA THR A 34 16.72 4.40 -9.41
C THR A 34 16.23 5.36 -8.31
N MET A 35 14.96 5.36 -7.98
CA MET A 35 14.43 6.29 -6.98
C MET A 35 14.19 5.56 -5.66
N LEU A 36 14.70 6.11 -4.57
CA LEU A 36 14.50 5.57 -3.23
C LEU A 36 13.99 6.71 -2.34
N ARG A 37 13.05 6.43 -1.46
CA ARG A 37 12.60 7.47 -0.52
C ARG A 37 13.51 7.47 0.70
N VAL A 38 13.89 8.67 1.15
CA VAL A 38 14.78 8.82 2.30
C VAL A 38 14.10 9.65 3.40
N LYS A 39 14.22 9.14 4.62
CA LYS A 39 13.60 9.81 5.77
C LYS A 39 14.23 11.15 6.10
N ASP A 40 15.55 11.19 6.04
CA ASP A 40 16.33 12.37 6.45
C ASP A 40 17.40 12.66 5.42
N PRO A 41 17.21 13.70 4.60
CA PRO A 41 18.16 14.02 3.54
C PRO A 41 19.52 14.43 4.09
N LYS A 42 19.58 15.06 5.27
CA LYS A 42 20.90 15.41 5.82
C LYS A 42 21.72 14.15 6.03
N LYS A 43 21.14 13.10 6.60
CA LYS A 43 21.91 11.87 6.81
C LYS A 43 22.23 11.17 5.49
N SER A 44 21.28 11.14 4.56
CA SER A 44 21.51 10.46 3.29
C SER A 44 22.56 11.18 2.44
N LEU A 45 22.50 12.51 2.41
CA LEU A 45 23.50 13.24 1.60
C LEU A 45 24.90 13.03 2.14
N ASP A 46 25.04 13.04 3.48
CA ASP A 46 26.34 12.76 4.06
C ASP A 46 26.84 11.37 3.69
N PHE A 47 25.96 10.36 3.79
CA PHE A 47 26.33 9.01 3.45
C PHE A 47 26.76 8.84 2.00
N TYR A 48 25.91 9.25 1.05
CA TYR A 48 26.22 9.01 -0.36
C TYR A 48 27.40 9.82 -0.84
N THR A 49 27.64 11.01 -0.28
CA THR A 49 28.78 11.81 -0.77
C THR A 49 30.05 11.48 0.04
N ARG A 50 29.99 11.58 1.36
CA ARG A 50 31.22 11.37 2.15
C ARG A 50 31.63 9.93 2.19
N VAL A 51 30.67 9.02 2.44
CA VAL A 51 31.04 7.61 2.54
C VAL A 51 31.21 6.99 1.17
N LEU A 52 30.24 7.14 0.26
CA LEU A 52 30.36 6.48 -1.02
C LEU A 52 31.00 7.25 -2.15
N GLY A 53 31.27 8.54 -1.97
CA GLY A 53 31.91 9.32 -3.00
C GLY A 53 31.05 9.74 -4.17
N MET A 54 29.73 9.69 -4.04
CA MET A 54 28.89 10.22 -5.12
C MET A 54 28.80 11.74 -5.01
N THR A 55 28.33 12.37 -6.07
CA THR A 55 28.17 13.82 -6.15
C THR A 55 26.71 14.23 -6.25
N LEU A 56 26.30 15.25 -5.53
CA LEU A 56 24.93 15.75 -5.61
C LEU A 56 24.90 16.56 -6.92
N ILE A 57 24.21 16.06 -7.93
CA ILE A 57 24.25 16.77 -9.21
C ILE A 57 23.06 17.66 -9.48
N GLN A 58 21.99 17.49 -8.72
CA GLN A 58 20.79 18.30 -8.88
C GLN A 58 19.88 18.15 -7.68
N LYS A 59 19.28 19.24 -7.25
CA LYS A 59 18.32 19.31 -6.15
C LYS A 59 17.08 20.06 -6.65
N CYS A 60 15.93 19.44 -6.50
CA CYS A 60 14.66 20.00 -6.95
C CYS A 60 13.69 20.06 -5.78
N ASP A 61 13.02 21.19 -5.62
CA ASP A 61 12.09 21.35 -4.53
C ASP A 61 10.70 21.62 -5.09
N PHE A 62 9.70 20.96 -4.50
CA PHE A 62 8.31 21.06 -4.89
C PHE A 62 7.48 21.48 -3.70
N PRO A 63 7.40 22.78 -3.43
CA PRO A 63 6.75 23.32 -2.26
C PRO A 63 5.28 22.99 -2.08
N ILE A 64 4.51 22.94 -3.15
CA ILE A 64 3.09 22.62 -3.04
C ILE A 64 2.87 21.17 -2.66
N MET A 65 3.64 20.25 -3.22
CA MET A 65 3.52 18.83 -2.94
C MET A 65 4.38 18.38 -1.76
N LYS A 66 5.15 19.30 -1.20
CA LYS A 66 5.96 19.05 -0.02
C LYS A 66 6.97 17.92 -0.17
N PHE A 67 7.83 18.04 -1.16
CA PHE A 67 8.92 17.07 -1.31
C PHE A 67 10.07 17.70 -2.09
N SER A 68 11.23 17.08 -1.89
CA SER A 68 12.43 17.44 -2.61
C SER A 68 13.02 16.17 -3.28
N LEU A 69 13.78 16.43 -4.31
CA LEU A 69 14.50 15.36 -4.98
C LEU A 69 15.98 15.69 -4.97
N TYR A 70 16.78 14.69 -4.63
CA TYR A 70 18.24 14.82 -4.64
C TYR A 70 18.80 13.81 -5.62
N PHE A 71 19.47 14.27 -6.68
CA PHE A 71 20.07 13.32 -7.62
C PHE A 71 21.55 13.13 -7.31
N LEU A 72 21.95 11.91 -7.03
CA LEU A 72 23.33 11.58 -6.71
C LEU A 72 23.92 10.75 -7.85
N ALA A 73 25.19 10.94 -8.18
CA ALA A 73 25.77 10.15 -9.25
C ALA A 73 27.29 10.18 -9.16
N TYR A 74 27.94 9.26 -9.84
CA TYR A 74 29.42 9.28 -9.87
C TYR A 74 29.79 10.10 -11.10
N GLU A 75 29.88 11.39 -10.87
CA GLU A 75 30.21 12.38 -11.88
C GLU A 75 31.20 13.36 -11.24
N ASP A 76 32.01 13.96 -12.10
CA ASP A 76 32.95 15.00 -11.63
C ASP A 76 32.11 16.26 -11.41
N LYS A 77 32.23 16.87 -10.25
CA LYS A 77 31.50 18.06 -9.86
C LYS A 77 31.72 19.26 -10.79
N ASN A 78 32.87 19.30 -11.43
CA ASN A 78 33.22 20.32 -12.40
C ASN A 78 32.48 20.17 -13.72
N ASP A 79 31.77 19.06 -13.93
CA ASP A 79 30.98 18.86 -15.14
C ASP A 79 29.55 19.33 -14.96
N ILE A 80 29.17 19.73 -13.74
CA ILE A 80 27.81 20.22 -13.54
C ILE A 80 27.71 21.62 -14.15
N PRO A 81 26.83 21.76 -15.12
CA PRO A 81 26.63 23.05 -15.79
C PRO A 81 26.20 24.11 -14.79
N LYS A 82 26.52 25.37 -15.08
CA LYS A 82 26.18 26.51 -14.25
C LYS A 82 24.74 26.98 -14.47
N GLU A 83 24.30 27.02 -15.72
CA GLU A 83 22.95 27.47 -16.03
C GLU A 83 21.92 26.45 -15.55
N LYS A 84 20.82 26.93 -15.01
CA LYS A 84 19.76 26.14 -14.44
C LYS A 84 19.18 25.08 -15.36
N ASP A 85 18.72 25.48 -16.54
CA ASP A 85 18.09 24.55 -17.48
C ASP A 85 19.07 23.58 -18.09
N GLU A 86 20.30 24.03 -18.36
CA GLU A 86 21.32 23.14 -18.87
C GLU A 86 21.68 22.11 -17.79
N LYS A 87 21.71 22.58 -16.55
CA LYS A 87 22.03 21.69 -15.43
C LYS A 87 21.00 20.57 -15.30
N ILE A 88 19.72 20.92 -15.41
CA ILE A 88 18.64 19.94 -15.31
C ILE A 88 18.79 18.91 -16.42
N ALA A 89 18.96 19.37 -17.66
CA ALA A 89 19.07 18.43 -18.79
C ALA A 89 20.28 17.53 -18.68
N TRP A 90 21.37 18.04 -18.14
CA TRP A 90 22.59 17.28 -17.97
C TRP A 90 22.42 16.24 -16.86
N ALA A 91 21.90 16.67 -15.73
CA ALA A 91 21.73 15.74 -14.61
C ALA A 91 20.80 14.60 -14.99
N LEU A 92 19.68 14.95 -15.63
CA LEU A 92 18.72 13.91 -15.99
C LEU A 92 19.06 13.09 -17.21
N SER A 93 20.19 13.32 -17.88
CA SER A 93 20.59 12.48 -18.99
C SER A 93 21.83 11.67 -18.61
N ARG A 94 22.26 11.77 -17.34
CA ARG A 94 23.38 10.97 -16.88
C ARG A 94 22.86 9.55 -16.62
N LYS A 95 23.62 8.53 -16.97
CA LYS A 95 23.25 7.15 -16.69
C LYS A 95 23.49 6.87 -15.21
N ALA A 96 22.80 5.89 -14.68
CA ALA A 96 23.10 5.39 -13.32
C ALA A 96 23.10 6.42 -12.22
N THR A 97 22.01 7.16 -12.14
CA THR A 97 21.85 8.13 -11.06
C THR A 97 20.91 7.57 -10.00
N LEU A 98 21.04 8.13 -8.81
CA LEU A 98 20.13 7.75 -7.71
C LEU A 98 19.26 8.98 -7.44
N GLU A 99 17.94 8.80 -7.48
CA GLU A 99 17.01 9.88 -7.19
C GLU A 99 16.50 9.66 -5.75
N LEU A 100 16.94 10.48 -4.80
CA LEU A 100 16.45 10.32 -3.43
C LEU A 100 15.28 11.28 -3.21
N THR A 101 14.14 10.73 -2.80
CA THR A 101 12.96 11.54 -2.60
C THR A 101 12.75 11.79 -1.12
N HIS A 102 12.69 13.07 -0.74
CA HIS A 102 12.45 13.44 0.64
C HIS A 102 11.04 14.04 0.76
N ASN A 103 10.17 13.30 1.43
CA ASN A 103 8.83 13.81 1.72
C ASN A 103 8.99 14.65 3.00
N TRP A 104 8.74 15.94 2.87
CA TRP A 104 8.94 16.84 4.01
C TRP A 104 8.23 16.35 5.26
N GLY A 105 8.91 16.50 6.40
CA GLY A 105 8.41 16.14 7.69
C GLY A 105 8.71 14.76 8.22
N THR A 106 9.21 13.84 7.38
CA THR A 106 9.48 12.49 7.87
C THR A 106 10.55 12.44 8.95
N GLU A 107 11.54 13.34 8.95
CA GLU A 107 12.55 13.31 10.00
C GLU A 107 11.98 13.57 11.39
N ASP A 108 10.86 14.25 11.53
CA ASP A 108 10.28 14.54 12.84
C ASP A 108 9.39 13.42 13.36
N ASP A 109 8.97 12.54 12.46
CA ASP A 109 8.07 11.46 12.84
C ASP A 109 8.82 10.21 13.24
N GLU A 110 8.91 10.02 14.55
CA GLU A 110 9.52 8.92 15.26
C GLU A 110 8.94 7.56 14.91
N THR A 111 7.69 7.52 14.48
CA THR A 111 7.03 6.28 14.11
C THR A 111 7.19 6.00 12.61
N GLN A 112 7.89 6.85 11.87
CA GLN A 112 8.00 6.61 10.43
C GLN A 112 9.35 6.04 10.06
N SER A 113 9.34 5.14 9.07
CA SER A 113 10.58 4.63 8.51
C SER A 113 10.20 3.99 7.16
N TYR A 114 11.15 4.00 6.23
CA TYR A 114 10.87 3.36 4.94
C TYR A 114 11.30 1.89 5.02
N HIS A 115 10.71 1.07 4.15
CA HIS A 115 10.94 -0.36 4.09
C HIS A 115 11.98 -0.71 3.04
N ASN A 116 12.98 -1.50 3.38
CA ASN A 116 14.07 -1.76 2.43
C ASN A 116 13.81 -2.87 1.43
N GLY A 117 12.68 -3.57 1.51
CA GLY A 117 12.32 -4.61 0.55
C GLY A 117 12.89 -5.99 0.83
N ASN A 118 13.65 -6.15 1.93
CA ASN A 118 14.31 -7.43 2.16
C ASN A 118 13.66 -8.27 3.27
N SER A 119 12.54 -7.80 3.75
CA SER A 119 11.71 -8.60 4.67
C SER A 119 10.30 -8.46 4.13
N ASP A 120 9.36 -9.33 4.48
CA ASP A 120 8.01 -9.20 3.88
C ASP A 120 7.37 -7.87 4.18
N PRO A 121 6.77 -7.23 3.17
CA PRO A 121 6.74 -7.73 1.81
C PRO A 121 7.96 -7.37 0.97
N ARG A 122 8.49 -8.34 0.26
CA ARG A 122 9.71 -8.13 -0.51
C ARG A 122 9.44 -7.69 -1.93
N GLY A 123 10.49 -7.10 -2.53
CA GLY A 123 10.36 -6.66 -3.94
C GLY A 123 11.75 -6.19 -4.34
N PHE A 124 11.90 -4.85 -4.33
CA PHE A 124 13.27 -4.32 -4.55
C PHE A 124 14.20 -5.00 -3.56
N GLY A 125 15.46 -5.24 -3.90
CA GLY A 125 16.40 -5.84 -2.97
C GLY A 125 17.55 -4.91 -2.59
N HIS A 126 18.22 -4.35 -3.61
CA HIS A 126 19.39 -3.53 -3.28
C HIS A 126 19.90 -2.77 -4.49
N ILE A 127 20.78 -1.80 -4.26
CA ILE A 127 21.52 -1.19 -5.37
C ILE A 127 22.92 -1.77 -5.15
N GLY A 128 23.75 -1.65 -6.18
CA GLY A 128 25.09 -2.23 -6.02
C GLY A 128 26.11 -1.29 -6.63
N ILE A 129 27.25 -1.21 -5.95
CA ILE A 129 28.35 -0.37 -6.41
C ILE A 129 29.54 -1.27 -6.77
N ALA A 130 30.09 -1.12 -7.95
CA ALA A 130 31.29 -1.88 -8.34
C ALA A 130 32.51 -1.08 -7.88
N VAL A 131 33.43 -1.76 -7.21
CA VAL A 131 34.64 -1.16 -6.67
C VAL A 131 35.84 -1.96 -7.13
N PRO A 132 37.01 -1.35 -7.06
CA PRO A 132 38.25 -2.04 -7.44
C PRO A 132 38.62 -3.13 -6.46
N ASP A 133 38.38 -2.89 -5.16
CA ASP A 133 38.75 -3.89 -4.15
C ASP A 133 37.74 -3.88 -3.02
N VAL A 134 36.94 -4.93 -2.93
CA VAL A 134 35.93 -5.02 -1.88
C VAL A 134 36.53 -4.98 -0.48
N TYR A 135 37.67 -5.62 -0.25
CA TYR A 135 38.26 -5.59 1.08
C TYR A 135 38.74 -4.22 1.52
N SER A 136 39.40 -3.48 0.60
CA SER A 136 39.91 -2.18 1.04
C SER A 136 38.76 -1.18 1.17
N ALA A 137 37.72 -1.34 0.33
CA ALA A 137 36.57 -0.43 0.44
C ALA A 137 35.88 -0.63 1.77
N CYS A 138 35.70 -1.89 2.15
CA CYS A 138 34.99 -2.23 3.39
C CYS A 138 35.80 -1.92 4.63
N LYS A 139 37.12 -1.98 4.55
CA LYS A 139 37.96 -1.58 5.69
C LYS A 139 37.73 -0.11 5.98
N ARG A 140 37.67 0.70 4.91
CA ARG A 140 37.38 2.13 5.09
C ARG A 140 35.98 2.30 5.63
N PHE A 141 35.00 1.57 5.07
CA PHE A 141 33.64 1.69 5.60
C PHE A 141 33.58 1.34 7.08
N GLU A 142 34.31 0.30 7.50
CA GLU A 142 34.35 -0.06 8.92
C GLU A 142 34.91 1.09 9.76
N GLU A 143 35.96 1.72 9.29
CA GLU A 143 36.59 2.85 9.99
C GLU A 143 35.63 4.01 10.11
N LEU A 144 34.74 4.18 9.13
CA LEU A 144 33.75 5.24 9.15
C LEU A 144 32.48 4.88 9.90
N GLY A 145 32.40 3.67 10.48
CA GLY A 145 31.26 3.25 11.24
C GLY A 145 30.02 2.87 10.44
N VAL A 146 30.21 2.48 9.19
CA VAL A 146 29.12 2.02 8.33
C VAL A 146 28.50 0.73 8.83
N LYS A 147 27.18 0.62 8.73
CA LYS A 147 26.49 -0.59 9.17
C LYS A 147 26.54 -1.64 8.07
N PHE A 148 26.89 -2.87 8.46
CA PHE A 148 26.99 -3.94 7.49
C PHE A 148 25.91 -5.01 7.66
N VAL A 149 25.37 -5.46 6.53
CA VAL A 149 24.52 -6.63 6.49
C VAL A 149 25.48 -7.83 6.37
N LYS A 150 26.46 -7.67 5.51
CA LYS A 150 27.45 -8.70 5.24
C LYS A 150 28.85 -8.18 5.00
N LYS A 151 29.84 -8.50 5.85
CA LYS A 151 31.22 -8.08 5.55
C LYS A 151 31.74 -9.05 4.49
N PRO A 152 32.83 -8.69 3.81
CA PRO A 152 33.34 -9.44 2.68
C PRO A 152 33.47 -10.92 2.89
N ASP A 153 34.03 -11.35 4.02
CA ASP A 153 34.16 -12.81 4.22
C ASP A 153 33.11 -13.39 5.13
N ASP A 154 32.03 -12.67 5.41
CA ASP A 154 30.94 -13.23 6.20
C ASP A 154 30.11 -14.17 5.31
N GLY A 155 29.70 -15.31 5.84
CA GLY A 155 28.85 -16.20 5.08
C GLY A 155 29.52 -16.89 3.91
N LYS A 156 28.67 -17.35 2.98
CA LYS A 156 29.07 -18.18 1.85
C LYS A 156 29.90 -17.53 0.78
N MET A 157 29.48 -16.39 0.26
CA MET A 157 30.24 -15.75 -0.82
C MET A 157 31.35 -14.84 -0.31
N LYS A 158 32.58 -15.35 -0.39
CA LYS A 158 33.72 -14.60 0.09
C LYS A 158 34.16 -13.52 -0.90
N GLY A 159 34.26 -12.29 -0.41
CA GLY A 159 34.72 -11.20 -1.26
C GLY A 159 33.56 -10.34 -1.79
N LEU A 160 32.41 -10.50 -1.14
CA LEU A 160 31.23 -9.71 -1.55
C LEU A 160 30.66 -9.09 -0.29
N ALA A 161 30.26 -7.82 -0.32
CA ALA A 161 29.72 -7.24 0.91
C ALA A 161 28.39 -6.57 0.63
N PHE A 162 27.64 -6.37 1.72
CA PHE A 162 26.39 -5.63 1.68
C PHE A 162 26.39 -4.64 2.85
N ILE A 163 26.30 -3.35 2.56
CA ILE A 163 26.25 -2.33 3.61
C ILE A 163 24.85 -1.74 3.65
N GLN A 164 24.55 -0.89 4.63
CA GLN A 164 23.25 -0.22 4.65
C GLN A 164 23.41 1.29 4.69
N ASP A 165 22.50 1.98 4.00
CA ASP A 165 22.49 3.45 4.04
C ASP A 165 21.70 3.86 5.28
N PRO A 166 21.54 5.15 5.53
CA PRO A 166 20.83 5.65 6.70
C PRO A 166 19.38 5.21 6.82
N ASP A 167 18.72 4.83 5.73
CA ASP A 167 17.36 4.30 5.81
C ASP A 167 17.36 2.79 5.92
N GLY A 168 18.49 2.11 5.84
CA GLY A 168 18.54 0.66 5.90
C GLY A 168 18.45 0.00 4.54
N TYR A 169 18.49 0.77 3.46
CA TYR A 169 18.51 0.16 2.14
C TYR A 169 19.84 -0.58 1.98
N TRP A 170 19.78 -1.75 1.37
CA TRP A 170 21.02 -2.52 1.20
C TRP A 170 21.77 -2.10 -0.05
N ILE A 171 23.10 -2.01 0.09
CA ILE A 171 23.97 -1.62 -1.01
C ILE A 171 25.07 -2.68 -1.15
N GLU A 172 25.04 -3.41 -2.25
CA GLU A 172 26.04 -4.43 -2.54
C GLU A 172 27.35 -3.73 -2.89
N ILE A 173 28.46 -4.27 -2.41
CA ILE A 173 29.80 -3.76 -2.72
C ILE A 173 30.50 -4.91 -3.43
N LEU A 174 30.74 -4.78 -4.72
CA LEU A 174 31.24 -5.92 -5.49
C LEU A 174 32.44 -5.58 -6.36
N ASN A 175 33.26 -6.59 -6.62
CA ASN A 175 34.39 -6.41 -7.54
C ASN A 175 34.06 -7.25 -8.76
N PRO A 176 33.82 -6.62 -9.91
CA PRO A 176 33.43 -7.32 -11.13
C PRO A 176 34.38 -8.44 -11.54
N ASN A 177 35.65 -8.30 -11.21
CA ASN A 177 36.67 -9.28 -11.57
C ASN A 177 36.78 -10.44 -10.60
N LYS A 178 35.98 -10.45 -9.54
CA LYS A 178 35.95 -11.56 -8.60
C LYS A 178 34.60 -12.26 -8.54
N MET A 179 33.60 -11.75 -9.26
CA MET A 179 32.27 -12.34 -9.21
C MET A 179 32.25 -13.76 -9.77
N ALA A 180 33.01 -14.04 -10.82
CA ALA A 180 33.01 -15.38 -11.42
C ALA A 180 33.49 -16.48 -10.50
N THR A 181 34.35 -16.18 -9.54
CA THR A 181 34.89 -17.20 -8.64
C THR A 181 34.29 -17.09 -7.24
N LEU A 182 33.13 -16.43 -7.15
CA LEU A 182 32.47 -16.26 -5.86
C LEU A 182 32.08 -17.63 -5.30
N MET A 183 32.01 -17.67 -4.00
CA MET A 183 31.76 -18.84 -3.17
C MET A 183 32.86 -18.76 -2.09
N ALA B 1 8.77 32.82 18.06
CA ALA B 1 8.28 31.42 18.09
C ALA B 1 8.85 30.67 19.28
N GLU B 2 8.11 29.68 19.77
CA GLU B 2 8.54 28.91 20.94
C GLU B 2 8.87 27.47 20.61
N PRO B 3 7.91 26.72 20.08
CA PRO B 3 8.10 25.32 19.75
C PRO B 3 9.07 25.08 18.60
N GLN B 4 9.83 23.99 18.68
CA GLN B 4 10.73 23.67 17.58
C GLN B 4 9.85 23.43 16.35
N PRO B 5 10.07 24.22 15.30
CA PRO B 5 9.30 24.11 14.08
C PRO B 5 9.49 22.75 13.43
N PRO B 6 8.45 22.30 12.73
CA PRO B 6 8.50 21.03 12.04
C PRO B 6 9.62 21.08 11.00
N SER B 7 10.22 19.92 10.70
CA SER B 7 11.24 19.91 9.66
C SER B 7 10.50 20.06 8.33
N GLY B 8 11.10 20.86 7.45
CA GLY B 8 10.50 21.10 6.14
C GLY B 8 11.54 20.69 5.10
N GLY B 9 11.55 21.41 3.98
CA GLY B 9 12.55 21.04 2.96
C GLY B 9 13.88 21.68 3.31
N LEU B 10 14.97 21.06 2.86
CA LEU B 10 16.28 21.66 3.09
C LEU B 10 16.47 22.82 2.13
N THR B 11 17.14 23.87 2.60
CA THR B 11 17.51 24.94 1.69
C THR B 11 18.64 24.39 0.84
N ASP B 12 18.98 25.02 -0.27
CA ASP B 12 20.07 24.58 -1.12
C ASP B 12 21.37 24.55 -0.29
N GLU B 13 21.51 25.59 0.54
CA GLU B 13 22.68 25.72 1.41
C GLU B 13 22.74 24.60 2.42
N ALA B 14 21.64 24.26 3.06
CA ALA B 14 21.62 23.18 4.05
C ALA B 14 22.00 21.85 3.41
N ALA B 15 21.49 21.59 2.21
CA ALA B 15 21.87 20.39 1.48
C ALA B 15 23.36 20.34 1.18
N LEU B 16 23.93 21.41 0.63
CA LEU B 16 25.36 21.44 0.33
C LEU B 16 26.19 21.31 1.60
N SER B 17 25.71 21.79 2.75
CA SER B 17 26.42 21.65 4.01
C SER B 17 26.57 20.20 4.43
N CYS B 18 25.76 19.28 3.91
CA CYS B 18 25.88 17.87 4.24
C CYS B 18 26.62 17.09 3.18
N CYS B 19 27.14 17.78 2.16
CA CYS B 19 27.86 17.07 1.09
C CYS B 19 29.36 17.21 1.28
N SER B 20 30.07 16.10 1.12
CA SER B 20 31.52 16.11 1.17
C SER B 20 32.10 15.76 -0.19
N ASP B 21 33.26 16.34 -0.51
CA ASP B 21 33.91 15.95 -1.76
C ASP B 21 34.27 14.47 -1.67
N ALA B 22 34.39 13.84 -2.81
CA ALA B 22 34.69 12.41 -2.91
C ALA B 22 36.13 12.09 -2.51
N ASP B 23 36.26 11.16 -1.58
CA ASP B 23 37.61 10.73 -1.17
C ASP B 23 38.21 10.03 -2.37
N PRO B 24 39.52 10.19 -2.60
CA PRO B 24 40.22 9.55 -3.69
C PRO B 24 40.07 8.04 -3.75
N SER B 25 39.87 7.35 -2.63
CA SER B 25 39.69 5.91 -2.59
C SER B 25 38.42 5.47 -3.32
N THR B 26 37.44 6.36 -3.49
CA THR B 26 36.21 6.05 -4.19
C THR B 26 36.23 6.51 -5.63
N LYS B 27 37.35 6.98 -6.20
CA LYS B 27 37.37 7.58 -7.52
C LYS B 27 36.96 6.69 -8.69
N ASP B 28 37.07 5.38 -8.55
CA ASP B 28 36.68 4.45 -9.59
C ASP B 28 35.39 3.71 -9.25
N PHE B 29 34.69 4.10 -8.19
CA PHE B 29 33.42 3.44 -7.87
C PHE B 29 32.40 3.77 -8.94
N LEU B 30 31.50 2.83 -9.24
CA LEU B 30 30.44 3.11 -10.21
C LEU B 30 29.14 2.47 -9.70
N LEU B 31 28.00 3.09 -10.06
CA LEU B 31 26.70 2.55 -9.62
C LEU B 31 26.32 1.50 -10.66
N GLN B 32 26.48 0.24 -10.30
CA GLN B 32 26.40 -0.87 -11.24
C GLN B 32 25.04 -1.48 -11.44
N GLN B 33 24.24 -1.59 -10.38
CA GLN B 33 22.97 -2.30 -10.55
C GLN B 33 21.90 -1.87 -9.58
N THR B 34 20.68 -2.22 -9.98
CA THR B 34 19.49 -2.13 -9.15
C THR B 34 18.88 -3.54 -9.17
N MET B 35 18.64 -4.13 -8.01
CA MET B 35 18.10 -5.50 -7.99
C MET B 35 16.60 -5.49 -7.70
N LEU B 36 15.84 -6.21 -8.54
CA LEU B 36 14.42 -6.34 -8.35
C LEU B 36 14.06 -7.82 -8.44
N ARG B 37 13.21 -8.29 -7.52
CA ARG B 37 12.80 -9.68 -7.58
C ARG B 37 11.64 -9.81 -8.57
N VAL B 38 11.68 -10.81 -9.44
CA VAL B 38 10.63 -10.98 -10.45
C VAL B 38 9.96 -12.35 -10.33
N LYS B 39 8.64 -12.35 -10.41
CA LYS B 39 7.87 -13.58 -10.23
C LYS B 39 8.08 -14.58 -11.36
N ASP B 40 8.17 -14.08 -12.57
CA ASP B 40 8.34 -14.94 -13.76
C ASP B 40 9.37 -14.34 -14.68
N PRO B 41 10.55 -14.92 -14.75
CA PRO B 41 11.64 -14.41 -15.57
C PRO B 41 11.30 -14.41 -17.05
N LYS B 42 10.45 -15.34 -17.51
CA LYS B 42 10.09 -15.31 -18.93
C LYS B 42 9.35 -14.04 -19.28
N LYS B 43 8.39 -13.65 -18.45
CA LYS B 43 7.64 -12.43 -18.73
C LYS B 43 8.54 -11.21 -18.57
N SER B 44 9.39 -11.21 -17.54
CA SER B 44 10.27 -10.07 -17.33
C SER B 44 11.28 -9.95 -18.45
N LEU B 45 11.87 -11.06 -18.93
CA LEU B 45 12.82 -10.92 -20.03
C LEU B 45 12.13 -10.38 -21.28
N ASP B 46 10.95 -10.91 -21.60
CA ASP B 46 10.22 -10.40 -22.76
C ASP B 46 9.95 -8.91 -22.62
N PHE B 47 9.47 -8.47 -21.47
CA PHE B 47 9.18 -7.05 -21.27
C PHE B 47 10.40 -6.16 -21.45
N TYR B 48 11.46 -6.45 -20.67
CA TYR B 48 12.62 -5.58 -20.72
C TYR B 48 13.32 -5.57 -22.07
N THR B 49 13.32 -6.68 -22.79
CA THR B 49 13.99 -6.69 -24.09
C THR B 49 13.07 -6.24 -25.21
N ARG B 50 11.89 -6.82 -25.36
CA ARG B 50 11.00 -6.42 -26.45
C ARG B 50 10.31 -5.08 -26.30
N VAL B 51 9.80 -4.76 -25.10
CA VAL B 51 9.13 -3.49 -24.91
C VAL B 51 10.17 -2.39 -24.71
N LEU B 52 11.14 -2.65 -23.84
CA LEU B 52 12.07 -1.55 -23.54
C LEU B 52 13.38 -1.56 -24.27
N GLY B 53 13.70 -2.59 -25.06
CA GLY B 53 14.92 -2.59 -25.82
C GLY B 53 16.21 -2.82 -25.06
N MET B 54 16.12 -3.42 -23.87
CA MET B 54 17.33 -3.74 -23.13
C MET B 54 17.88 -5.07 -23.67
N THR B 55 19.10 -5.38 -23.28
CA THR B 55 19.79 -6.59 -23.67
C THR B 55 20.14 -7.44 -22.45
N LEU B 56 19.91 -8.75 -22.56
CA LEU B 56 20.30 -9.69 -21.51
C LEU B 56 21.81 -9.89 -21.62
N ILE B 57 22.59 -9.36 -20.67
CA ILE B 57 24.04 -9.39 -20.81
C ILE B 57 24.72 -10.45 -19.96
N GLN B 58 23.98 -11.08 -19.05
CA GLN B 58 24.49 -12.14 -18.20
C GLN B 58 23.34 -12.80 -17.47
N LYS B 59 23.49 -14.11 -17.30
CA LYS B 59 22.56 -14.98 -16.61
C LYS B 59 23.36 -15.88 -15.66
N CYS B 60 22.92 -15.97 -14.42
CA CYS B 60 23.59 -16.78 -13.41
C CYS B 60 22.59 -17.70 -12.75
N ASP B 61 22.97 -18.96 -12.51
CA ASP B 61 22.05 -19.92 -11.90
C ASP B 61 22.72 -20.51 -10.64
N PHE B 62 21.96 -20.59 -9.57
CA PHE B 62 22.40 -21.06 -8.25
C PHE B 62 21.48 -22.20 -7.84
N PRO B 63 21.81 -23.42 -8.27
CA PRO B 63 20.99 -24.59 -8.06
C PRO B 63 20.70 -24.96 -6.63
N ILE B 64 21.67 -24.88 -5.73
CA ILE B 64 21.45 -25.20 -4.34
C ILE B 64 20.51 -24.20 -3.67
N MET B 65 20.72 -22.90 -3.95
CA MET B 65 19.92 -21.85 -3.37
C MET B 65 18.60 -21.59 -4.10
N LYS B 66 18.39 -22.27 -5.20
CA LYS B 66 17.17 -22.20 -5.97
C LYS B 66 16.80 -20.76 -6.37
N PHE B 67 17.72 -20.11 -7.06
CA PHE B 67 17.47 -18.81 -7.66
C PHE B 67 18.39 -18.60 -8.86
N SER B 68 17.97 -17.71 -9.76
CA SER B 68 18.73 -17.30 -10.91
C SER B 68 18.78 -15.75 -10.94
N LEU B 69 19.81 -15.27 -11.58
CA LEU B 69 19.96 -13.82 -11.77
C LEU B 69 20.06 -13.51 -13.26
N TYR B 70 19.30 -12.49 -13.66
CA TYR B 70 19.31 -12.02 -15.04
C TYR B 70 19.76 -10.56 -15.07
N PHE B 71 20.89 -10.27 -15.73
CA PHE B 71 21.35 -8.88 -15.82
C PHE B 71 20.89 -8.25 -17.13
N LEU B 72 20.15 -7.14 -17.03
CA LEU B 72 19.67 -6.45 -18.23
C LEU B 72 20.33 -5.08 -18.32
N ALA B 73 20.66 -4.63 -19.53
CA ALA B 73 21.29 -3.32 -19.66
C ALA B 73 21.13 -2.80 -21.09
N TYR B 74 21.33 -1.52 -21.27
CA TYR B 74 21.36 -0.91 -22.59
C TYR B 74 22.80 -1.03 -23.10
N GLU B 75 23.08 -2.17 -23.71
CA GLU B 75 24.41 -2.46 -24.23
C GLU B 75 24.26 -3.10 -25.62
N ASP B 76 25.28 -2.93 -26.45
CA ASP B 76 25.29 -3.55 -27.77
C ASP B 76 25.60 -5.03 -27.57
N LYS B 77 24.73 -5.89 -28.07
CA LYS B 77 24.88 -7.33 -28.00
C LYS B 77 26.23 -7.84 -28.49
N ASN B 78 26.85 -7.18 -29.45
CA ASN B 78 28.14 -7.56 -30.00
C ASN B 78 29.31 -7.31 -29.08
N ASP B 79 29.12 -6.53 -28.01
CA ASP B 79 30.15 -6.29 -27.02
C ASP B 79 30.18 -7.39 -25.96
N ILE B 80 29.19 -8.28 -25.92
CA ILE B 80 29.17 -9.36 -24.95
C ILE B 80 30.25 -10.40 -25.26
N PRO B 81 31.24 -10.50 -24.39
CA PRO B 81 32.32 -11.47 -24.55
C PRO B 81 31.81 -12.89 -24.70
N LYS B 82 32.61 -13.74 -25.34
CA LYS B 82 32.23 -15.13 -25.56
C LYS B 82 32.56 -16.02 -24.37
N GLU B 83 33.73 -15.84 -23.79
CA GLU B 83 34.18 -16.64 -22.66
C GLU B 83 33.38 -16.32 -21.40
N LYS B 84 33.05 -17.37 -20.66
CA LYS B 84 32.28 -17.30 -19.43
C LYS B 84 32.83 -16.33 -18.40
N ASP B 85 34.13 -16.34 -18.13
CA ASP B 85 34.73 -15.49 -17.12
C ASP B 85 34.89 -14.05 -17.58
N GLU B 86 35.26 -13.84 -18.84
CA GLU B 86 35.38 -12.50 -19.40
C GLU B 86 33.98 -11.85 -19.48
N LYS B 87 32.98 -12.65 -19.83
CA LYS B 87 31.62 -12.17 -19.94
C LYS B 87 31.14 -11.61 -18.59
N ILE B 88 31.38 -12.34 -17.51
CA ILE B 88 31.01 -11.91 -16.16
C ILE B 88 31.69 -10.64 -15.71
N ALA B 89 33.01 -10.56 -15.91
CA ALA B 89 33.75 -9.35 -15.54
C ALA B 89 33.26 -8.13 -16.31
N TRP B 90 32.93 -8.31 -17.58
CA TRP B 90 32.40 -7.22 -18.40
C TRP B 90 30.99 -6.83 -17.98
N ALA B 91 30.09 -7.81 -17.83
CA ALA B 91 28.70 -7.50 -17.49
C ALA B 91 28.58 -6.82 -16.13
N LEU B 92 29.35 -7.31 -15.15
CA LEU B 92 29.28 -6.76 -13.81
C LEU B 92 30.09 -5.48 -13.64
N SER B 93 30.75 -4.97 -14.69
CA SER B 93 31.45 -3.72 -14.63
C SER B 93 30.71 -2.68 -15.49
N ARG B 94 29.53 -3.05 -16.00
CA ARG B 94 28.75 -2.07 -16.75
C ARG B 94 27.98 -1.18 -15.78
N LYS B 95 27.86 0.12 -16.08
CA LYS B 95 27.04 0.98 -15.26
C LYS B 95 25.58 0.68 -15.57
N ALA B 96 24.69 1.09 -14.66
CA ALA B 96 23.26 1.06 -14.92
C ALA B 96 22.68 -0.22 -15.46
N THR B 97 22.87 -1.31 -14.71
CA THR B 97 22.25 -2.56 -15.12
C THR B 97 21.10 -2.88 -14.17
N LEU B 98 20.21 -3.75 -14.62
CA LEU B 98 19.15 -4.22 -13.73
C LEU B 98 19.50 -5.69 -13.43
N GLU B 99 19.45 -6.04 -12.16
CA GLU B 99 19.70 -7.42 -11.75
C GLU B 99 18.35 -8.01 -11.37
N LEU B 100 17.83 -8.91 -12.18
CA LEU B 100 16.52 -9.48 -11.88
C LEU B 100 16.67 -10.82 -11.17
N THR B 101 16.10 -10.93 -9.98
CA THR B 101 16.24 -12.15 -9.18
C THR B 101 15.00 -13.02 -9.29
N HIS B 102 15.21 -14.24 -9.78
CA HIS B 102 14.11 -15.18 -9.90
C HIS B 102 14.27 -16.27 -8.81
N ASN B 103 13.41 -16.26 -7.84
CA ASN B 103 13.41 -17.31 -6.81
C ASN B 103 12.58 -18.46 -7.42
N TRP B 104 13.23 -19.58 -7.71
CA TRP B 104 12.55 -20.69 -8.37
C TRP B 104 11.21 -21.05 -7.74
N GLY B 105 10.21 -21.26 -8.60
CA GLY B 105 8.88 -21.62 -8.16
C GLY B 105 7.86 -20.54 -7.99
N THR B 106 8.25 -19.26 -7.92
CA THR B 106 7.29 -18.18 -7.73
C THR B 106 6.28 -18.09 -8.86
N GLU B 107 6.69 -18.41 -10.09
CA GLU B 107 5.83 -18.34 -11.26
C GLU B 107 4.64 -19.29 -11.20
N ASP B 108 4.72 -20.36 -10.43
CA ASP B 108 3.61 -21.31 -10.30
C ASP B 108 2.85 -21.18 -9.00
N ASP B 109 3.24 -20.23 -8.16
CA ASP B 109 2.56 -20.02 -6.88
C ASP B 109 1.54 -18.92 -7.08
N GLU B 110 0.27 -19.29 -7.20
CA GLU B 110 -0.81 -18.34 -7.40
C GLU B 110 -1.02 -17.37 -6.25
N THR B 111 -0.56 -17.68 -5.05
CA THR B 111 -0.75 -16.79 -3.91
C THR B 111 0.40 -15.79 -3.77
N GLN B 112 1.40 -15.92 -4.63
CA GLN B 112 2.59 -15.09 -4.52
C GLN B 112 2.64 -13.90 -5.47
N SER B 113 3.20 -12.81 -4.93
CA SER B 113 3.50 -11.65 -5.75
C SER B 113 4.46 -10.74 -4.98
N TYR B 114 5.27 -9.99 -5.73
CA TYR B 114 6.18 -9.05 -5.07
C TYR B 114 5.52 -7.71 -4.85
N HIS B 115 6.14 -6.88 -4.01
CA HIS B 115 5.62 -5.57 -3.66
C HIS B 115 6.44 -4.47 -4.35
N ASN B 116 5.77 -3.50 -4.96
CA ASN B 116 6.53 -2.52 -5.73
C ASN B 116 7.02 -1.28 -4.99
N GLY B 117 6.78 -1.18 -3.70
CA GLY B 117 7.25 -0.06 -2.89
C GLY B 117 6.41 1.19 -2.90
N ASN B 118 5.32 1.22 -3.66
CA ASN B 118 4.52 2.42 -3.81
C ASN B 118 3.22 2.39 -3.02
N SER B 119 3.06 1.39 -2.20
CA SER B 119 1.94 1.32 -1.25
C SER B 119 2.55 0.87 0.08
N ASP B 120 1.88 1.10 1.19
CA ASP B 120 2.40 0.68 2.49
C ASP B 120 2.82 -0.77 2.52
N PRO B 121 4.01 -1.07 3.03
CA PRO B 121 4.99 -0.11 3.48
C PRO B 121 5.90 0.38 2.36
N ARG B 122 6.04 1.70 2.19
CA ARG B 122 6.78 2.25 1.06
C ARG B 122 8.30 2.27 1.25
N GLY B 123 9.01 2.38 0.13
CA GLY B 123 10.49 2.48 0.21
C GLY B 123 10.97 2.85 -1.20
N PHE B 124 11.43 1.82 -1.90
CA PHE B 124 11.79 1.97 -3.31
C PHE B 124 10.63 2.58 -4.07
N GLY B 125 10.90 3.42 -5.05
CA GLY B 125 9.80 4.03 -5.83
C GLY B 125 9.76 3.52 -7.26
N HIS B 126 10.86 3.66 -8.01
CA HIS B 126 10.83 3.29 -9.41
C HIS B 126 12.22 3.33 -10.04
N ILE B 127 12.31 2.75 -11.24
CA ILE B 127 13.51 2.98 -12.05
C ILE B 127 13.05 3.99 -13.08
N GLY B 128 13.95 4.57 -13.86
CA GLY B 128 13.55 5.56 -14.86
C GLY B 128 14.44 5.41 -16.09
N ILE B 129 13.79 5.53 -17.25
CA ILE B 129 14.47 5.42 -18.53
C ILE B 129 14.35 6.75 -19.26
N ALA B 130 15.46 7.29 -19.73
CA ALA B 130 15.44 8.53 -20.51
C ALA B 130 15.25 8.16 -21.98
N VAL B 131 14.29 8.81 -22.64
CA VAL B 131 13.98 8.51 -24.04
C VAL B 131 14.00 9.82 -24.82
N PRO B 132 14.08 9.75 -26.15
CA PRO B 132 14.08 10.94 -26.98
C PRO B 132 12.72 11.55 -27.16
N ASP B 133 11.66 10.75 -27.02
CA ASP B 133 10.33 11.34 -27.22
C ASP B 133 9.34 10.54 -26.38
N VAL B 134 8.87 11.15 -25.30
CA VAL B 134 7.98 10.42 -24.40
C VAL B 134 6.65 10.06 -25.05
N TYR B 135 6.11 10.99 -25.83
CA TYR B 135 4.81 10.75 -26.46
C TYR B 135 4.89 9.62 -27.46
N SER B 136 5.91 9.59 -28.32
CA SER B 136 5.97 8.50 -29.30
C SER B 136 6.26 7.17 -28.60
N ALA B 137 7.11 7.19 -27.57
CA ALA B 137 7.38 5.95 -26.86
C ALA B 137 6.10 5.41 -26.21
N CYS B 138 5.31 6.25 -25.57
CA CYS B 138 4.10 5.83 -24.88
C CYS B 138 2.97 5.42 -25.83
N LYS B 139 2.95 6.01 -27.03
CA LYS B 139 1.99 5.54 -28.04
C LYS B 139 2.30 4.10 -28.38
N ARG B 140 3.58 3.75 -28.53
CA ARG B 140 4.02 2.41 -28.83
C ARG B 140 3.72 1.49 -27.65
N PHE B 141 4.02 1.98 -26.43
CA PHE B 141 3.72 1.20 -25.23
C PHE B 141 2.24 0.84 -25.17
N GLU B 142 1.35 1.78 -25.51
CA GLU B 142 -0.08 1.51 -25.50
C GLU B 142 -0.43 0.47 -26.54
N GLU B 143 0.14 0.56 -27.74
CA GLU B 143 -0.07 -0.41 -28.80
C GLU B 143 0.32 -1.81 -28.36
N LEU B 144 1.38 -1.92 -27.56
CA LEU B 144 1.89 -3.16 -27.02
C LEU B 144 1.17 -3.68 -25.79
N GLY B 145 0.19 -2.98 -25.28
CA GLY B 145 -0.57 -3.41 -24.11
C GLY B 145 0.12 -3.17 -22.78
N VAL B 146 1.07 -2.25 -22.76
CA VAL B 146 1.80 -1.93 -21.53
C VAL B 146 0.87 -1.26 -20.53
N LYS B 147 1.07 -1.64 -19.26
CA LYS B 147 0.27 -1.10 -18.17
C LYS B 147 0.84 0.24 -17.76
N PHE B 148 -0.06 1.22 -17.62
CA PHE B 148 0.41 2.55 -17.22
C PHE B 148 0.01 2.93 -15.81
N VAL B 149 0.89 3.71 -15.17
CA VAL B 149 0.58 4.32 -13.87
C VAL B 149 0.13 5.76 -14.22
N LYS B 150 0.90 6.34 -15.14
CA LYS B 150 0.61 7.72 -15.60
C LYS B 150 0.93 7.90 -17.07
N LYS B 151 -0.09 8.21 -17.87
CA LYS B 151 0.16 8.52 -19.29
C LYS B 151 0.78 9.90 -19.38
N PRO B 152 1.48 10.23 -20.46
CA PRO B 152 2.16 11.51 -20.60
C PRO B 152 1.31 12.73 -20.29
N ASP B 153 0.08 12.78 -20.77
CA ASP B 153 -0.79 13.92 -20.50
C ASP B 153 -1.75 13.73 -19.35
N ASP B 154 -1.57 12.73 -18.51
CA ASP B 154 -2.31 12.48 -17.29
C ASP B 154 -1.71 13.32 -16.14
N GLY B 155 -2.53 13.86 -15.26
CA GLY B 155 -2.02 14.60 -14.11
C GLY B 155 -1.35 15.92 -14.37
N LYS B 156 -0.61 16.45 -13.39
CA LYS B 156 0.01 17.75 -13.49
C LYS B 156 1.26 17.88 -14.32
N MET B 157 2.18 16.92 -14.24
CA MET B 157 3.40 16.97 -15.03
C MET B 157 3.20 16.39 -16.42
N LYS B 158 2.77 17.22 -17.38
CA LYS B 158 2.58 16.74 -18.74
C LYS B 158 3.88 16.45 -19.46
N GLY B 159 3.97 15.33 -20.18
CA GLY B 159 5.18 15.04 -20.94
C GLY B 159 6.09 14.06 -20.17
N LEU B 160 5.61 13.60 -19.04
CA LEU B 160 6.32 12.60 -18.23
C LEU B 160 5.40 11.41 -18.05
N ALA B 161 5.89 10.18 -18.17
CA ALA B 161 5.00 9.04 -17.97
C ALA B 161 5.56 8.04 -16.98
N PHE B 162 4.71 7.16 -16.47
CA PHE B 162 5.15 6.06 -15.61
C PHE B 162 4.45 4.80 -16.11
N ILE B 163 5.19 3.76 -16.44
CA ILE B 163 4.59 2.50 -16.85
C ILE B 163 4.96 1.44 -15.78
N GLN B 164 4.42 0.24 -15.90
CA GLN B 164 4.76 -0.83 -14.98
C GLN B 164 5.26 -2.06 -15.74
N ASP B 165 6.13 -2.83 -15.08
CA ASP B 165 6.61 -4.08 -15.69
C ASP B 165 5.68 -5.20 -15.26
N PRO B 166 5.98 -6.44 -15.62
CA PRO B 166 5.12 -7.57 -15.28
C PRO B 166 4.85 -7.74 -13.80
N ASP B 167 5.77 -7.37 -12.92
CA ASP B 167 5.56 -7.47 -11.48
C ASP B 167 4.90 -6.24 -10.87
N GLY B 168 4.69 -5.21 -11.67
CA GLY B 168 4.10 -3.95 -11.23
C GLY B 168 5.12 -2.93 -10.79
N TYR B 169 6.42 -3.18 -10.95
CA TYR B 169 7.38 -2.13 -10.60
C TYR B 169 7.19 -0.92 -11.54
N TRP B 170 7.23 0.27 -10.97
CA TRP B 170 7.05 1.49 -11.72
C TRP B 170 8.33 1.85 -12.47
N ILE B 171 8.15 2.34 -13.68
CA ILE B 171 9.25 2.75 -14.55
C ILE B 171 8.91 4.13 -15.13
N GLU B 172 9.69 5.14 -14.74
CA GLU B 172 9.51 6.50 -15.24
C GLU B 172 10.02 6.56 -16.68
N ILE B 173 9.30 7.28 -17.54
CA ILE B 173 9.67 7.47 -18.94
C ILE B 173 9.80 8.97 -19.13
N LEU B 174 11.04 9.45 -19.24
CA LEU B 174 11.28 10.89 -19.25
C LEU B 174 12.19 11.34 -20.38
N ASN B 175 12.03 12.60 -20.79
CA ASN B 175 12.93 13.15 -21.82
C ASN B 175 13.75 14.21 -21.07
N PRO B 176 15.03 13.96 -20.83
CA PRO B 176 15.86 14.87 -20.06
C PRO B 176 15.93 16.28 -20.63
N ASN B 177 15.82 16.40 -21.96
CA ASN B 177 15.91 17.72 -22.58
C ASN B 177 14.64 18.54 -22.49
N LYS B 178 13.57 18.02 -21.88
CA LYS B 178 12.34 18.75 -21.68
C LYS B 178 11.98 18.81 -20.20
N MET B 179 12.75 18.17 -19.32
CA MET B 179 12.44 18.20 -17.91
C MET B 179 12.50 19.58 -17.29
N ALA B 180 13.34 20.48 -17.78
CA ALA B 180 13.46 21.83 -17.26
C ALA B 180 12.24 22.71 -17.52
N THR B 181 11.41 22.34 -18.47
CA THR B 181 10.21 23.09 -18.79
C THR B 181 8.98 22.41 -18.23
N LEU B 182 9.16 21.66 -17.14
CA LEU B 182 8.13 20.95 -16.42
C LEU B 182 7.78 21.67 -15.11
N MET B 183 6.47 21.80 -14.84
CA MET B 183 6.06 22.51 -13.63
C MET B 183 5.04 23.61 -13.93
N GLY C 8 -10.75 2.21 36.00
CA GLY C 8 -12.09 1.72 35.66
C GLY C 8 -12.56 2.40 34.36
N GLY C 9 -13.86 2.65 34.27
CA GLY C 9 -14.37 3.27 33.03
C GLY C 9 -14.42 4.77 33.12
N LEU C 10 -14.54 5.43 31.95
CA LEU C 10 -14.67 6.88 31.94
C LEU C 10 -16.02 7.30 32.51
N THR C 11 -16.04 8.42 33.20
CA THR C 11 -17.32 8.95 33.70
C THR C 11 -18.01 9.57 32.49
N ASP C 12 -19.31 9.83 32.59
CA ASP C 12 -20.00 10.48 31.46
C ASP C 12 -19.40 11.86 31.19
N GLU C 13 -19.06 12.61 32.24
CA GLU C 13 -18.49 13.94 32.09
C GLU C 13 -17.13 13.90 31.42
N ALA C 14 -16.30 12.94 31.80
CA ALA C 14 -14.96 12.82 31.22
C ALA C 14 -15.09 12.49 29.73
N ALA C 15 -16.00 11.57 29.41
CA ALA C 15 -16.21 11.22 28.00
C ALA C 15 -16.62 12.45 27.19
N LEU C 16 -17.55 13.25 27.72
CA LEU C 16 -18.02 14.43 27.03
C LEU C 16 -16.91 15.46 26.86
N SER C 17 -16.07 15.60 27.88
CA SER C 17 -14.93 16.51 27.78
C SER C 17 -13.95 16.10 26.68
N CYS C 18 -13.83 14.79 26.41
CA CYS C 18 -12.96 14.31 25.35
C CYS C 18 -13.53 14.50 23.95
N CYS C 19 -14.78 14.87 23.82
CA CYS C 19 -15.45 15.06 22.55
C CYS C 19 -15.44 16.53 22.11
N SER C 20 -15.33 16.71 20.80
CA SER C 20 -15.34 18.06 20.24
C SER C 20 -16.54 18.19 19.30
N ASP C 21 -17.04 19.42 19.15
CA ASP C 21 -18.10 19.68 18.20
C ASP C 21 -17.56 19.44 16.78
N ALA C 22 -18.45 19.14 15.84
CA ALA C 22 -18.00 18.90 14.46
C ALA C 22 -17.44 20.14 13.78
N ASP C 23 -16.19 20.10 13.34
CA ASP C 23 -15.59 21.23 12.62
C ASP C 23 -16.34 21.41 11.31
N PRO C 24 -16.49 22.64 10.83
CA PRO C 24 -17.15 22.92 9.58
C PRO C 24 -16.53 22.21 8.41
N SER C 25 -15.23 21.91 8.44
CA SER C 25 -14.56 21.18 7.38
C SER C 25 -15.09 19.75 7.29
N THR C 26 -15.79 19.22 8.30
CA THR C 26 -16.29 17.86 8.23
C THR C 26 -17.75 17.79 7.83
N LYS C 27 -18.30 18.94 7.38
CA LYS C 27 -19.68 18.93 6.95
C LYS C 27 -19.84 17.97 5.77
N ASP C 28 -20.92 17.23 5.82
CA ASP C 28 -21.34 16.27 4.84
C ASP C 28 -20.55 14.96 4.89
N PHE C 29 -19.61 14.83 5.83
CA PHE C 29 -18.88 13.56 5.94
C PHE C 29 -19.88 12.47 6.30
N LEU C 30 -19.70 11.27 5.79
CA LEU C 30 -20.60 10.18 6.14
C LEU C 30 -19.85 8.86 6.24
N LEU C 31 -20.36 8.01 7.12
CA LEU C 31 -19.73 6.71 7.33
C LEU C 31 -20.29 5.76 6.27
N GLN C 32 -19.47 5.52 5.26
CA GLN C 32 -19.90 4.85 4.04
C GLN C 32 -19.73 3.36 3.98
N GLN C 33 -18.64 2.85 4.58
CA GLN C 33 -18.40 1.42 4.42
C GLN C 33 -17.58 0.77 5.53
N THR C 34 -17.71 -0.53 5.55
CA THR C 34 -16.90 -1.41 6.40
C THR C 34 -16.34 -2.46 5.45
N MET C 35 -15.04 -2.69 5.43
CA MET C 35 -14.51 -3.66 4.48
C MET C 35 -14.09 -4.94 5.21
N LEU C 36 -14.48 -6.07 4.66
CA LEU C 36 -14.10 -7.37 5.18
C LEU C 36 -13.56 -8.25 4.06
N ARG C 37 -12.48 -8.98 4.31
CA ARG C 37 -11.96 -9.87 3.26
C ARG C 37 -12.73 -11.19 3.32
N VAL C 38 -13.07 -11.72 2.15
CA VAL C 38 -13.86 -12.93 2.07
C VAL C 38 -13.13 -13.97 1.21
N LYS C 39 -13.12 -15.19 1.74
CA LYS C 39 -12.44 -16.30 1.09
C LYS C 39 -13.10 -16.70 -0.22
N ASP C 40 -14.42 -16.76 -0.22
CA ASP C 40 -15.17 -17.22 -1.39
C ASP C 40 -16.36 -16.32 -1.63
N PRO C 41 -16.33 -15.56 -2.72
CA PRO C 41 -17.38 -14.59 -3.02
C PRO C 41 -18.72 -15.24 -3.31
N LYS C 42 -18.72 -16.47 -3.87
CA LYS C 42 -20.00 -17.13 -4.13
C LYS C 42 -20.75 -17.36 -2.83
N LYS C 43 -20.04 -17.84 -1.81
CA LYS C 43 -20.65 -18.11 -0.51
C LYS C 43 -21.07 -16.83 0.20
N SER C 44 -20.21 -15.83 0.16
CA SER C 44 -20.53 -14.55 0.81
C SER C 44 -21.69 -13.85 0.14
N LEU C 45 -21.70 -13.78 -1.20
CA LEU C 45 -22.85 -13.11 -1.85
C LEU C 45 -24.15 -13.82 -1.51
N ASP C 46 -24.14 -15.16 -1.51
CA ASP C 46 -25.35 -15.90 -1.18
C ASP C 46 -25.80 -15.60 0.25
N PHE C 47 -24.86 -15.60 1.19
CA PHE C 47 -25.20 -15.32 2.57
C PHE C 47 -25.79 -13.93 2.76
N TYR C 48 -25.07 -12.91 2.28
CA TYR C 48 -25.50 -11.53 2.53
C TYR C 48 -26.76 -11.17 1.76
N THR C 49 -27.01 -11.77 0.59
CA THR C 49 -28.24 -11.44 -0.12
C THR C 49 -29.40 -12.34 0.31
N ARG C 50 -29.21 -13.66 0.24
CA ARG C 50 -30.29 -14.59 0.58
C ARG C 50 -30.60 -14.65 2.07
N VAL C 51 -29.58 -14.79 2.91
CA VAL C 51 -29.85 -14.87 4.34
C VAL C 51 -30.17 -13.51 4.93
N LEU C 52 -29.34 -12.49 4.69
CA LEU C 52 -29.54 -11.20 5.32
C LEU C 52 -30.35 -10.15 4.57
N GLY C 53 -30.62 -10.39 3.31
CA GLY C 53 -31.47 -9.41 2.60
C GLY C 53 -30.73 -8.21 2.05
N MET C 54 -29.40 -8.20 2.01
CA MET C 54 -28.73 -7.07 1.39
C MET C 54 -28.78 -7.20 -0.12
N THR C 55 -28.47 -6.09 -0.79
CA THR C 55 -28.44 -6.01 -2.23
C THR C 55 -27.04 -5.70 -2.73
N LEU C 56 -26.63 -6.43 -3.77
CA LEU C 56 -25.32 -6.15 -4.36
C LEU C 56 -25.46 -4.87 -5.20
N ILE C 57 -24.81 -3.79 -4.80
CA ILE C 57 -25.01 -2.52 -5.51
C ILE C 57 -23.87 -2.15 -6.44
N GLN C 58 -22.74 -2.80 -6.32
CA GLN C 58 -21.60 -2.50 -7.20
C GLN C 58 -20.57 -3.61 -7.12
N LYS C 59 -19.94 -3.93 -8.24
CA LYS C 59 -18.92 -4.98 -8.29
C LYS C 59 -17.78 -4.39 -9.10
N CYS C 60 -16.57 -4.43 -8.56
CA CYS C 60 -15.42 -3.83 -9.25
C CYS C 60 -14.35 -4.90 -9.35
N ASP C 61 -13.70 -5.00 -10.50
CA ASP C 61 -12.67 -6.02 -10.67
C ASP C 61 -11.34 -5.40 -11.07
N PHE C 62 -10.28 -5.86 -10.42
CA PHE C 62 -8.92 -5.36 -10.65
C PHE C 62 -8.04 -6.52 -11.08
N PRO C 63 -8.01 -6.81 -12.38
CA PRO C 63 -7.33 -7.96 -12.93
C PRO C 63 -5.82 -8.00 -12.71
N ILE C 64 -5.16 -6.86 -12.76
CA ILE C 64 -3.71 -6.79 -12.54
C ILE C 64 -3.35 -7.19 -11.12
N MET C 65 -4.05 -6.61 -10.14
CA MET C 65 -3.81 -6.88 -8.73
C MET C 65 -4.53 -8.11 -8.22
N LYS C 66 -5.37 -8.73 -9.05
CA LYS C 66 -6.06 -9.95 -8.76
C LYS C 66 -6.97 -9.87 -7.55
N PHE C 67 -7.94 -8.96 -7.61
CA PHE C 67 -8.94 -8.90 -6.55
C PHE C 67 -10.22 -8.27 -7.08
N SER C 68 -11.32 -8.56 -6.39
CA SER C 68 -12.58 -7.91 -6.74
C SER C 68 -13.17 -7.30 -5.46
N LEU C 69 -14.01 -6.29 -5.61
CA LEU C 69 -14.71 -5.66 -4.50
C LEU C 69 -16.21 -5.78 -4.78
N TYR C 70 -16.94 -6.21 -3.75
CA TYR C 70 -18.40 -6.36 -3.87
C TYR C 70 -19.04 -5.43 -2.85
N PHE C 71 -19.87 -4.48 -3.29
CA PHE C 71 -20.49 -3.58 -2.32
C PHE C 71 -21.93 -4.05 -2.08
N LEU C 72 -22.21 -4.28 -0.80
CA LEU C 72 -23.55 -4.72 -0.42
C LEU C 72 -24.21 -3.69 0.47
N ALA C 73 -25.52 -3.53 0.37
CA ALA C 73 -26.18 -2.52 1.23
C ALA C 73 -27.67 -2.83 1.34
N TYR C 74 -28.34 -2.25 2.31
CA TYR C 74 -29.80 -2.41 2.41
C TYR C 74 -30.38 -1.24 1.62
N GLU C 75 -30.63 -1.51 0.34
CA GLU C 75 -31.13 -0.53 -0.61
C GLU C 75 -32.18 -1.23 -1.49
N ASP C 76 -33.08 -0.44 -2.05
CA ASP C 76 -34.06 -0.99 -3.00
C ASP C 76 -33.31 -1.16 -4.30
N LYS C 77 -33.30 -2.35 -4.89
CA LYS C 77 -32.62 -2.65 -6.14
C LYS C 77 -33.01 -1.76 -7.31
N ASN C 78 -34.22 -1.23 -7.27
CA ASN C 78 -34.73 -0.33 -8.29
C ASN C 78 -34.17 1.08 -8.17
N ASP C 79 -33.43 1.39 -7.11
CA ASP C 79 -32.78 2.69 -6.95
C ASP C 79 -31.38 2.70 -7.53
N ILE C 80 -30.85 1.56 -7.93
CA ILE C 80 -29.52 1.48 -8.53
C ILE C 80 -29.59 2.15 -9.90
N PRO C 81 -28.79 3.18 -10.14
CA PRO C 81 -28.79 3.88 -11.42
C PRO C 81 -28.43 2.97 -12.58
N LYS C 82 -28.98 3.23 -13.76
CA LYS C 82 -28.67 2.41 -14.94
C LYS C 82 -27.34 2.75 -15.58
N GLU C 83 -26.93 4.03 -15.59
CA GLU C 83 -25.66 4.36 -16.21
C GLU C 83 -24.49 4.08 -15.27
N LYS C 84 -23.39 3.62 -15.81
CA LYS C 84 -22.18 3.23 -15.13
C LYS C 84 -21.61 4.23 -14.13
N ASP C 85 -21.31 5.43 -14.62
CA ASP C 85 -20.69 6.45 -13.78
C ASP C 85 -21.66 6.94 -12.71
N GLU C 86 -22.93 7.07 -13.04
CA GLU C 86 -23.91 7.46 -12.03
C GLU C 86 -24.02 6.35 -10.98
N LYS C 87 -23.97 5.10 -11.42
CA LYS C 87 -24.09 3.98 -10.47
C LYS C 87 -22.92 3.96 -9.49
N ILE C 88 -21.70 4.19 -9.95
CA ILE C 88 -20.55 4.22 -9.05
C ILE C 88 -20.71 5.32 -8.00
N ALA C 89 -21.07 6.53 -8.43
CA ALA C 89 -21.22 7.64 -7.49
C ALA C 89 -22.34 7.41 -6.49
N TRP C 90 -23.42 6.76 -6.92
CA TRP C 90 -24.54 6.45 -6.07
C TRP C 90 -24.15 5.34 -5.08
N ALA C 91 -23.53 4.27 -5.58
CA ALA C 91 -23.20 3.16 -4.67
C ALA C 91 -22.24 3.60 -3.57
N LEU C 92 -21.22 4.37 -3.98
CA LEU C 92 -20.20 4.81 -3.04
C LEU C 92 -20.62 5.99 -2.20
N SER C 93 -21.84 6.51 -2.35
CA SER C 93 -22.33 7.56 -1.49
C SER C 93 -23.46 7.02 -0.59
N ARG C 94 -23.70 5.71 -0.66
CA ARG C 94 -24.70 5.16 0.27
C ARG C 94 -24.06 5.00 1.65
N LYS C 95 -24.79 5.36 2.71
CA LYS C 95 -24.30 5.12 4.07
C LYS C 95 -24.38 3.63 4.35
N ALA C 96 -23.59 3.13 5.29
CA ALA C 96 -23.73 1.78 5.80
C ALA C 96 -23.64 0.65 4.79
N THR C 97 -22.61 0.70 3.94
CA THR C 97 -22.38 -0.38 2.99
C THR C 97 -21.30 -1.31 3.55
N LEU C 98 -21.33 -2.51 3.01
CA LEU C 98 -20.35 -3.53 3.31
C LEU C 98 -19.54 -3.78 2.05
N GLU C 99 -18.23 -3.56 2.13
CA GLU C 99 -17.34 -3.79 1.01
C GLU C 99 -16.68 -5.15 1.21
N LEU C 100 -16.89 -6.12 0.34
CA LEU C 100 -16.24 -7.41 0.53
C LEU C 100 -15.08 -7.52 -0.46
N THR C 101 -13.90 -7.83 0.06
CA THR C 101 -12.73 -7.95 -0.81
C THR C 101 -12.42 -9.41 -1.06
N HIS C 102 -12.38 -9.79 -2.33
CA HIS C 102 -12.02 -11.14 -2.73
C HIS C 102 -10.65 -11.11 -3.41
N ASN C 103 -9.67 -11.70 -2.73
CA ASN C 103 -8.33 -11.86 -3.29
C ASN C 103 -8.38 -13.14 -4.12
N TRP C 104 -8.23 -13.00 -5.44
CA TRP C 104 -8.42 -14.17 -6.29
C TRP C 104 -7.52 -15.34 -5.91
N GLY C 105 -8.11 -16.54 -5.94
CA GLY C 105 -7.37 -17.75 -5.61
C GLY C 105 -7.59 -18.25 -4.20
N THR C 106 -8.13 -17.45 -3.27
CA THR C 106 -8.30 -17.92 -1.91
C THR C 106 -9.26 -19.10 -1.79
N GLU C 107 -10.28 -19.20 -2.64
CA GLU C 107 -11.19 -20.33 -2.55
C GLU C 107 -10.52 -21.65 -2.94
N ASP C 108 -9.41 -21.67 -3.65
CA ASP C 108 -8.72 -22.88 -4.02
C ASP C 108 -7.62 -23.29 -3.05
N ASP C 109 -7.31 -22.43 -2.09
CA ASP C 109 -6.27 -22.71 -1.11
C ASP C 109 -6.87 -23.26 0.17
N GLU C 110 -6.78 -24.58 0.36
CA GLU C 110 -7.32 -25.24 1.52
C GLU C 110 -6.73 -24.78 2.85
N THR C 111 -5.50 -24.30 2.86
CA THR C 111 -4.81 -23.82 4.04
C THR C 111 -5.17 -22.38 4.39
N GLN C 112 -5.86 -21.67 3.50
CA GLN C 112 -6.19 -20.27 3.76
C GLN C 112 -7.51 -20.04 4.45
N SER C 113 -7.53 -19.07 5.38
CA SER C 113 -8.75 -18.63 6.02
C SER C 113 -8.50 -17.22 6.59
N TYR C 114 -9.57 -16.43 6.70
CA TYR C 114 -9.41 -15.10 7.30
C TYR C 114 -9.69 -15.20 8.79
N HIS C 115 -9.23 -14.22 9.54
CA HIS C 115 -9.37 -14.16 11.00
C HIS C 115 -10.51 -13.22 11.38
N ASN C 116 -11.40 -13.64 12.29
CA ASN C 116 -12.57 -12.81 12.57
C ASN C 116 -12.39 -11.76 13.64
N GLY C 117 -11.21 -11.66 14.24
CA GLY C 117 -10.94 -10.65 15.26
C GLY C 117 -11.40 -10.97 16.67
N ASN C 118 -12.00 -12.14 16.89
CA ASN C 118 -12.56 -12.43 18.21
C ASN C 118 -11.70 -13.40 19.02
N SER C 119 -10.54 -13.73 18.49
CA SER C 119 -9.58 -14.55 19.24
C SER C 119 -8.23 -13.88 18.99
N ASP C 120 -7.22 -14.09 19.82
CA ASP C 120 -5.95 -13.39 19.59
C ASP C 120 -5.42 -13.64 18.20
N PRO C 121 -4.96 -12.59 17.53
CA PRO C 121 -4.97 -11.23 18.04
C PRO C 121 -6.29 -10.52 17.75
N ARG C 122 -6.91 -9.86 18.73
CA ARG C 122 -8.21 -9.24 18.52
C ARG C 122 -8.12 -7.80 18.05
N GLY C 123 -9.26 -7.34 17.51
CA GLY C 123 -9.34 -5.93 17.08
C GLY C 123 -10.83 -5.70 16.76
N PHE C 124 -11.08 -5.78 15.45
CA PHE C 124 -12.47 -5.68 14.99
C PHE C 124 -13.23 -6.79 15.69
N GLY C 125 -14.49 -6.55 16.01
CA GLY C 125 -15.32 -7.52 16.68
C GLY C 125 -16.44 -8.09 15.82
N HIS C 126 -17.27 -7.18 15.29
CA HIS C 126 -18.44 -7.65 14.55
C HIS C 126 -19.11 -6.50 13.81
N ILE C 127 -20.01 -6.86 12.90
CA ILE C 127 -20.91 -5.85 12.33
C ILE C 127 -22.25 -6.19 13.01
N GLY C 128 -23.21 -5.31 12.94
CA GLY C 128 -24.49 -5.60 13.63
C GLY C 128 -25.64 -5.10 12.76
N ILE C 129 -26.68 -5.91 12.71
CA ILE C 129 -27.89 -5.62 11.96
C ILE C 129 -29.04 -5.34 12.94
N ALA C 130 -29.71 -4.23 12.76
CA ALA C 130 -30.87 -3.89 13.57
C ALA C 130 -32.09 -4.48 12.89
N VAL C 131 -32.91 -5.22 13.64
CA VAL C 131 -34.07 -5.92 13.07
C VAL C 131 -35.28 -5.61 13.93
N PRO C 132 -36.49 -5.73 13.39
CA PRO C 132 -37.70 -5.49 14.15
C PRO C 132 -38.02 -6.58 15.18
N ASP C 133 -37.57 -7.80 14.96
CA ASP C 133 -37.88 -8.92 15.87
C ASP C 133 -36.76 -9.95 15.82
N VAL C 134 -35.95 -9.95 16.88
CA VAL C 134 -34.80 -10.86 16.96
C VAL C 134 -35.24 -12.30 16.95
N TYR C 135 -36.30 -12.63 17.70
CA TYR C 135 -36.76 -14.00 17.76
C TYR C 135 -37.21 -14.55 16.41
N SER C 136 -38.04 -13.84 15.65
CA SER C 136 -38.48 -14.35 14.36
C SER C 136 -37.36 -14.33 13.32
N ALA C 137 -36.47 -13.34 13.37
CA ALA C 137 -35.34 -13.32 12.46
C ALA C 137 -34.44 -14.54 12.67
N CYS C 138 -34.18 -14.87 13.95
CA CYS C 138 -33.36 -16.02 14.29
C CYS C 138 -34.07 -17.34 14.07
N LYS C 139 -35.40 -17.38 14.14
CA LYS C 139 -36.13 -18.62 13.80
C LYS C 139 -35.91 -18.92 12.32
N ARG C 140 -35.96 -17.88 11.46
CA ARG C 140 -35.68 -18.06 10.04
C ARG C 140 -34.22 -18.43 9.81
N PHE C 141 -33.30 -17.82 10.56
CA PHE C 141 -31.88 -18.16 10.38
C PHE C 141 -31.64 -19.64 10.69
N GLU C 142 -32.29 -20.14 11.75
CA GLU C 142 -32.16 -21.54 12.14
C GLU C 142 -32.70 -22.44 11.04
N GLU C 143 -33.84 -22.08 10.45
CA GLU C 143 -34.39 -22.87 9.35
C GLU C 143 -33.46 -22.90 8.14
N LEU C 144 -32.69 -21.85 7.92
CA LEU C 144 -31.74 -21.78 6.82
C LEU C 144 -30.39 -22.38 7.16
N GLY C 145 -30.18 -22.91 8.36
CA GLY C 145 -28.93 -23.54 8.72
C GLY C 145 -27.79 -22.59 9.06
N VAL C 146 -28.15 -21.37 9.44
CA VAL C 146 -27.15 -20.37 9.79
C VAL C 146 -26.42 -20.79 11.05
N LYS C 147 -25.13 -20.52 11.07
CA LYS C 147 -24.29 -20.83 12.22
C LYS C 147 -24.40 -19.73 13.27
N PHE C 148 -24.74 -20.11 14.50
CA PHE C 148 -24.87 -19.13 15.57
C PHE C 148 -23.72 -19.14 16.57
N VAL C 149 -23.35 -17.96 17.06
CA VAL C 149 -22.40 -17.80 18.15
C VAL C 149 -23.24 -17.74 19.43
N LYS C 150 -24.34 -17.00 19.34
CA LYS C 150 -25.27 -16.82 20.45
C LYS C 150 -26.71 -16.75 19.97
N LYS C 151 -27.57 -17.67 20.43
CA LYS C 151 -28.99 -17.57 20.09
C LYS C 151 -29.60 -16.53 21.01
N PRO C 152 -30.76 -15.99 20.66
CA PRO C 152 -31.41 -14.94 21.40
C PRO C 152 -31.45 -15.09 22.91
N ASP C 153 -31.75 -16.28 23.42
CA ASP C 153 -31.80 -16.44 24.88
C ASP C 153 -30.64 -17.20 25.46
N ASP C 154 -29.54 -17.37 24.72
CA ASP C 154 -28.34 -18.01 25.22
C ASP C 154 -27.54 -17.03 26.07
N GLY C 155 -26.95 -17.52 27.16
CA GLY C 155 -26.11 -16.64 27.97
C GLY C 155 -26.85 -15.54 28.70
N LYS C 156 -26.08 -14.53 29.10
CA LYS C 156 -26.56 -13.43 29.92
C LYS C 156 -27.60 -12.50 29.33
N MET C 157 -27.31 -11.93 28.18
CA MET C 157 -28.22 -10.94 27.57
C MET C 157 -29.29 -11.57 26.72
N LYS C 158 -30.52 -11.56 27.20
CA LYS C 158 -31.63 -12.17 26.47
C LYS C 158 -32.19 -11.25 25.41
N GLY C 159 -32.55 -11.79 24.26
CA GLY C 159 -33.15 -11.05 23.17
C GLY C 159 -32.11 -10.44 22.25
N LEU C 160 -30.90 -10.99 22.30
CA LEU C 160 -29.81 -10.48 21.45
C LEU C 160 -29.08 -11.68 20.85
N ALA C 161 -28.80 -11.67 19.55
CA ALA C 161 -28.14 -12.85 18.98
C ALA C 161 -26.88 -12.47 18.22
N PHE C 162 -26.03 -13.45 17.97
CA PHE C 162 -24.84 -13.28 17.16
C PHE C 162 -24.75 -14.47 16.20
N ILE C 163 -24.71 -14.20 14.90
CA ILE C 163 -24.55 -15.25 13.90
C ILE C 163 -23.20 -15.07 13.22
N GLN C 164 -22.85 -16.03 12.37
CA GLN C 164 -21.58 -15.91 11.64
C GLN C 164 -21.81 -16.03 10.14
N ASP C 165 -21.00 -15.31 9.37
CA ASP C 165 -21.06 -15.43 7.90
C ASP C 165 -20.17 -16.58 7.47
N PRO C 166 -20.01 -16.83 6.18
CA PRO C 166 -19.24 -17.94 5.66
C PRO C 166 -17.77 -17.91 6.04
N ASP C 167 -17.19 -16.74 6.27
CA ASP C 167 -15.82 -16.63 6.76
C ASP C 167 -15.72 -16.67 8.28
N GLY C 168 -16.83 -16.73 9.00
CA GLY C 168 -16.77 -16.76 10.46
C GLY C 168 -16.85 -15.39 11.11
N TYR C 169 -17.01 -14.33 10.31
CA TYR C 169 -17.20 -13.01 10.92
C TYR C 169 -18.51 -12.99 11.71
N TRP C 170 -18.45 -12.37 12.88
CA TRP C 170 -19.61 -12.28 13.75
C TRP C 170 -20.51 -11.12 13.33
N ILE C 171 -21.80 -11.41 13.40
CA ILE C 171 -22.81 -10.41 13.04
C ILE C 171 -23.85 -10.36 14.16
N GLU C 172 -23.88 -9.22 14.84
CA GLU C 172 -24.88 -9.04 15.90
C GLU C 172 -26.26 -8.88 15.29
N ILE C 173 -27.29 -9.43 15.94
CA ILE C 173 -28.67 -9.30 15.49
C ILE C 173 -29.41 -8.67 16.67
N LEU C 174 -29.74 -7.39 16.56
CA LEU C 174 -30.30 -6.65 17.69
C LEU C 174 -31.59 -5.93 17.38
N ASN C 175 -32.42 -5.77 18.41
CA ASN C 175 -33.67 -5.04 18.25
C ASN C 175 -33.49 -3.77 19.05
N PRO C 176 -33.39 -2.62 18.38
CA PRO C 176 -33.18 -1.35 19.05
C PRO C 176 -34.17 -1.03 20.16
N ASN C 177 -35.40 -1.49 20.03
CA ASN C 177 -36.43 -1.27 21.03
C ASN C 177 -36.33 -2.19 22.24
N LYS C 178 -35.48 -3.21 22.23
CA LYS C 178 -35.36 -4.11 23.37
C LYS C 178 -33.99 -4.02 24.04
N MET C 179 -33.11 -3.18 23.54
CA MET C 179 -31.77 -3.05 24.08
C MET C 179 -31.73 -2.39 25.44
N ALA C 180 -32.67 -1.51 25.76
CA ALA C 180 -32.72 -0.83 27.05
C ALA C 180 -32.95 -1.77 28.23
N THR C 181 -33.59 -2.90 28.01
CA THR C 181 -33.90 -3.89 29.01
C THR C 181 -32.72 -4.75 29.45
N LEU C 182 -31.60 -4.66 28.74
CA LEU C 182 -30.40 -5.41 29.08
C LEU C 182 -29.59 -4.67 30.13
N MET C 183 -30.22 -3.62 30.69
CA MET C 183 -29.52 -2.78 31.66
C MET C 183 -28.45 -3.58 32.41
N ALA D 1 -4.49 -34.76 -18.80
CA ALA D 1 -4.61 -33.29 -18.88
C ALA D 1 -6.07 -32.86 -18.79
N GLU D 2 -6.32 -31.59 -19.15
CA GLU D 2 -7.63 -30.99 -19.01
C GLU D 2 -7.95 -30.75 -17.52
N PRO D 3 -6.99 -30.23 -16.77
CA PRO D 3 -7.18 -30.00 -15.35
C PRO D 3 -8.14 -28.83 -15.14
N GLN D 4 -8.57 -28.63 -13.89
CA GLN D 4 -9.43 -27.48 -13.64
C GLN D 4 -8.52 -26.25 -13.52
N PRO D 5 -8.86 -25.20 -14.24
CA PRO D 5 -8.12 -23.95 -14.14
C PRO D 5 -8.34 -23.35 -12.75
N PRO D 6 -7.39 -22.56 -12.30
CA PRO D 6 -7.48 -21.91 -11.00
C PRO D 6 -8.74 -21.05 -10.95
N SER D 7 -9.11 -20.59 -9.76
CA SER D 7 -10.27 -19.71 -9.66
C SER D 7 -9.73 -18.30 -9.87
N GLY D 8 -10.34 -17.55 -10.76
CA GLY D 8 -9.94 -16.15 -11.00
C GLY D 8 -11.08 -15.33 -10.36
N GLY D 9 -11.47 -14.22 -10.94
CA GLY D 9 -12.58 -13.47 -10.30
C GLY D 9 -13.90 -14.01 -10.86
N LEU D 10 -15.00 -13.61 -10.23
CA LEU D 10 -16.31 -13.97 -10.76
C LEU D 10 -16.66 -13.04 -11.92
N THR D 11 -17.36 -13.55 -12.93
CA THR D 11 -17.86 -12.68 -13.99
C THR D 11 -19.02 -11.93 -13.33
N ASP D 12 -19.52 -10.91 -14.01
CA ASP D 12 -20.70 -10.21 -13.51
C ASP D 12 -21.86 -11.18 -13.39
N GLU D 13 -22.06 -12.03 -14.42
CA GLU D 13 -23.16 -12.98 -14.39
C GLU D 13 -23.03 -14.01 -13.28
N ALA D 14 -21.81 -14.46 -12.99
CA ALA D 14 -21.63 -15.46 -11.94
C ALA D 14 -21.97 -14.85 -10.59
N ALA D 15 -21.53 -13.60 -10.39
CA ALA D 15 -21.85 -12.91 -9.13
C ALA D 15 -23.37 -12.76 -9.00
N LEU D 16 -24.02 -12.37 -10.10
CA LEU D 16 -25.47 -12.22 -10.12
C LEU D 16 -26.16 -13.52 -9.74
N SER D 17 -25.67 -14.63 -10.29
CA SER D 17 -26.23 -15.95 -10.02
C SER D 17 -26.17 -16.35 -8.56
N CYS D 18 -25.28 -15.73 -7.77
CA CYS D 18 -25.21 -16.03 -6.36
C CYS D 18 -26.07 -15.08 -5.53
N CYS D 19 -26.72 -14.10 -6.18
CA CYS D 19 -27.55 -13.17 -5.42
C CYS D 19 -29.02 -13.56 -5.45
N SER D 20 -29.65 -13.48 -4.29
CA SER D 20 -31.10 -13.73 -4.23
C SER D 20 -31.77 -12.42 -3.90
N ASP D 21 -33.03 -12.23 -4.31
CA ASP D 21 -33.78 -11.05 -3.94
C ASP D 21 -34.02 -11.08 -2.43
N ALA D 22 -34.07 -9.88 -1.84
CA ALA D 22 -34.26 -9.82 -0.39
C ALA D 22 -35.59 -10.43 0.05
N ASP D 23 -35.52 -11.31 1.03
CA ASP D 23 -36.77 -11.87 1.59
C ASP D 23 -37.55 -10.74 2.22
N PRO D 24 -38.87 -10.73 2.06
CA PRO D 24 -39.70 -9.69 2.65
C PRO D 24 -39.48 -9.49 4.13
N SER D 25 -39.13 -10.50 4.91
CA SER D 25 -38.91 -10.40 6.34
C SER D 25 -37.66 -9.60 6.70
N THR D 26 -36.76 -9.36 5.75
CA THR D 26 -35.54 -8.62 6.02
C THR D 26 -35.63 -7.18 5.52
N LYS D 27 -36.78 -6.75 4.99
CA LYS D 27 -36.89 -5.42 4.39
C LYS D 27 -36.73 -4.25 5.33
N ASP D 28 -36.83 -4.40 6.65
CA ASP D 28 -36.61 -3.29 7.55
C ASP D 28 -35.26 -3.42 8.27
N PHE D 29 -34.46 -4.38 7.82
CA PHE D 29 -33.15 -4.57 8.45
C PHE D 29 -32.25 -3.40 8.06
N LEU D 30 -31.34 -3.06 8.97
CA LEU D 30 -30.38 -2.00 8.61
C LEU D 30 -29.01 -2.39 9.13
N LEU D 31 -27.98 -1.97 8.39
CA LEU D 31 -26.59 -2.30 8.79
C LEU D 31 -26.24 -1.20 9.78
N GLN D 32 -26.41 -1.49 11.06
CA GLN D 32 -26.40 -0.51 12.13
C GLN D 32 -25.05 -0.10 12.66
N GLN D 33 -24.15 -1.07 12.79
CA GLN D 33 -22.87 -0.79 13.43
C GLN D 33 -21.74 -1.68 12.98
N THR D 34 -20.56 -1.14 13.25
CA THR D 34 -19.28 -1.82 13.09
C THR D 34 -18.58 -1.69 14.45
N MET D 35 -18.24 -2.82 15.07
CA MET D 35 -17.61 -2.76 16.39
C MET D 35 -16.10 -2.93 16.30
N LEU D 36 -15.40 -1.97 16.92
CA LEU D 36 -13.94 -1.99 16.98
C LEU D 36 -13.51 -1.86 18.45
N ARG D 37 -12.52 -2.68 18.86
CA ARG D 37 -12.03 -2.53 20.23
C ARG D 37 -10.98 -1.43 20.27
N VAL D 38 -11.06 -0.54 21.26
CA VAL D 38 -10.12 0.58 21.32
C VAL D 38 -9.35 0.53 22.65
N LYS D 39 -8.05 0.76 22.56
CA LYS D 39 -7.18 0.69 23.73
C LYS D 39 -7.43 1.82 24.73
N ASP D 40 -7.69 3.02 24.23
CA ASP D 40 -7.92 4.18 25.13
C ASP D 40 -9.06 4.99 24.58
N PRO D 41 -10.22 4.98 25.20
CA PRO D 41 -11.40 5.67 24.71
C PRO D 41 -11.24 7.17 24.64
N LYS D 42 -10.40 7.72 25.52
CA LYS D 42 -10.18 9.16 25.49
C LYS D 42 -9.55 9.57 24.16
N LYS D 43 -8.54 8.79 23.74
CA LYS D 43 -7.90 9.12 22.46
C LYS D 43 -8.87 8.87 21.31
N SER D 44 -9.65 7.80 21.38
CA SER D 44 -10.56 7.49 20.27
C SER D 44 -11.67 8.51 20.18
N LEU D 45 -12.20 8.94 21.31
CA LEU D 45 -13.28 9.92 21.31
C LEU D 45 -12.78 11.22 20.70
N ASP D 46 -11.60 11.67 21.11
CA ASP D 46 -11.02 12.88 20.52
C ASP D 46 -10.82 12.71 19.02
N PHE D 47 -10.27 11.57 18.59
CA PHE D 47 -10.06 11.37 17.15
C PHE D 47 -11.35 11.40 16.35
N TYR D 48 -12.31 10.55 16.72
CA TYR D 48 -13.53 10.49 15.89
C TYR D 48 -14.40 11.74 15.94
N THR D 49 -14.39 12.48 17.05
CA THR D 49 -15.19 13.70 17.07
C THR D 49 -14.46 14.91 16.54
N ARG D 50 -13.24 15.19 17.00
CA ARG D 50 -12.50 16.36 16.56
C ARG D 50 -11.90 16.22 15.18
N VAL D 51 -11.26 15.08 14.90
CA VAL D 51 -10.66 14.89 13.59
C VAL D 51 -11.72 14.60 12.54
N LEU D 52 -12.62 13.64 12.83
CA LEU D 52 -13.58 13.23 11.80
C LEU D 52 -14.97 13.82 11.90
N GLY D 53 -15.27 14.58 12.95
CA GLY D 53 -16.57 15.23 13.02
C GLY D 53 -17.76 14.34 13.38
N MET D 54 -17.52 13.17 13.95
CA MET D 54 -18.64 12.32 14.37
C MET D 54 -19.14 12.85 15.71
N THR D 55 -20.28 12.33 16.17
CA THR D 55 -20.90 12.70 17.43
C THR D 55 -21.06 11.47 18.32
N LEU D 56 -20.73 11.60 19.59
CA LEU D 56 -20.95 10.51 20.55
C LEU D 56 -22.46 10.48 20.82
N ILE D 57 -23.15 9.46 20.36
CA ILE D 57 -24.60 9.39 20.50
C ILE D 57 -25.07 8.53 21.64
N GLN D 58 -24.21 7.66 22.16
CA GLN D 58 -24.58 6.82 23.31
C GLN D 58 -23.34 6.28 23.98
N LYS D 59 -23.36 6.17 25.32
CA LYS D 59 -22.25 5.60 26.08
C LYS D 59 -22.90 4.58 27.02
N CYS D 60 -22.40 3.37 27.06
CA CYS D 60 -22.92 2.33 27.92
C CYS D 60 -21.81 1.74 28.77
N ASP D 61 -22.05 1.60 30.08
CA ASP D 61 -21.02 1.08 30.97
C ASP D 61 -21.46 -0.24 31.60
N PHE D 62 -20.55 -1.21 31.65
CA PHE D 62 -20.87 -2.54 32.17
C PHE D 62 -19.85 -2.90 33.24
N PRO D 63 -20.09 -2.49 34.49
CA PRO D 63 -19.12 -2.60 35.56
C PRO D 63 -18.67 -3.98 35.95
N ILE D 64 -19.58 -4.96 35.96
CA ILE D 64 -19.18 -6.31 36.34
C ILE D 64 -18.32 -6.93 35.26
N MET D 65 -18.65 -6.65 33.99
CA MET D 65 -17.86 -7.16 32.88
C MET D 65 -16.67 -6.27 32.55
N LYS D 66 -16.58 -5.10 33.18
CA LYS D 66 -15.45 -4.21 32.99
C LYS D 66 -15.23 -3.81 31.53
N PHE D 67 -16.28 -3.25 30.95
CA PHE D 67 -16.12 -2.68 29.60
C PHE D 67 -17.18 -1.61 29.40
N SER D 68 -16.89 -0.70 28.46
CA SER D 68 -17.82 0.35 28.09
C SER D 68 -17.95 0.33 26.56
N LEU D 69 -19.08 0.83 26.11
CA LEU D 69 -19.34 0.95 24.68
C LEU D 69 -19.59 2.42 24.40
N TYR D 70 -18.98 2.87 23.31
CA TYR D 70 -19.13 4.23 22.82
C TYR D 70 -19.65 4.19 21.39
N PHE D 71 -20.85 4.74 21.17
CA PHE D 71 -21.42 4.76 19.82
C PHE D 71 -21.19 6.12 19.17
N LEU D 72 -20.52 6.06 18.03
CA LEU D 72 -20.22 7.27 17.26
C LEU D 72 -20.98 7.24 15.95
N ALA D 73 -21.53 8.40 15.56
CA ALA D 73 -22.26 8.44 14.30
C ALA D 73 -22.25 9.87 13.77
N TYR D 74 -22.60 10.00 12.49
CA TYR D 74 -22.73 11.33 11.89
C TYR D 74 -24.19 11.71 12.08
N GLU D 75 -24.46 12.30 13.24
CA GLU D 75 -25.80 12.70 13.62
C GLU D 75 -25.72 14.07 14.28
N ASP D 76 -26.84 14.80 14.24
CA ASP D 76 -26.93 16.10 14.91
C ASP D 76 -27.13 15.84 16.39
N LYS D 77 -26.33 16.44 17.26
CA LYS D 77 -26.47 16.23 18.70
C LYS D 77 -27.83 16.65 19.25
N ASN D 78 -28.56 17.52 18.57
CA ASN D 78 -29.88 17.94 19.02
C ASN D 78 -30.95 16.93 18.71
N ASP D 79 -30.64 15.84 18.00
CA ASP D 79 -31.61 14.79 17.73
C ASP D 79 -31.54 13.68 18.79
N ILE D 80 -30.53 13.72 19.65
CA ILE D 80 -30.34 12.72 20.68
C ILE D 80 -31.39 12.95 21.78
N PRO D 81 -32.30 12.02 21.94
CA PRO D 81 -33.35 12.14 22.96
C PRO D 81 -32.74 12.27 24.33
N LYS D 82 -33.45 12.95 25.24
CA LYS D 82 -32.96 13.17 26.59
C LYS D 82 -33.21 11.97 27.51
N GLU D 83 -34.37 11.35 27.41
CA GLU D 83 -34.75 10.22 28.26
C GLU D 83 -33.96 8.96 27.88
N LYS D 84 -33.42 8.28 28.89
CA LYS D 84 -32.59 7.11 28.71
C LYS D 84 -33.08 6.05 27.73
N ASP D 85 -34.28 5.53 27.89
CA ASP D 85 -34.80 4.45 27.06
C ASP D 85 -35.08 4.87 25.63
N GLU D 86 -35.61 6.08 25.46
CA GLU D 86 -35.87 6.62 24.13
C GLU D 86 -34.52 6.84 23.43
N LYS D 87 -33.55 7.29 24.20
CA LYS D 87 -32.19 7.54 23.71
C LYS D 87 -31.57 6.27 23.14
N ILE D 88 -31.69 5.17 23.87
CA ILE D 88 -31.17 3.88 23.43
C ILE D 88 -31.81 3.42 22.13
N ALA D 89 -33.15 3.44 22.10
CA ALA D 89 -33.90 3.02 20.94
C ALA D 89 -33.52 3.84 19.71
N TRP D 90 -33.35 5.14 19.89
CA TRP D 90 -32.93 6.03 18.82
C TRP D 90 -31.51 5.73 18.37
N ALA D 91 -30.55 5.74 19.28
CA ALA D 91 -29.15 5.55 18.91
C ALA D 91 -28.93 4.21 18.20
N LEU D 92 -29.54 3.14 18.75
CA LEU D 92 -29.38 1.83 18.15
C LEU D 92 -30.21 1.57 16.90
N SER D 93 -31.03 2.53 16.47
CA SER D 93 -31.76 2.42 15.23
C SER D 93 -31.16 3.38 14.20
N ARG D 94 -30.01 4.00 14.51
CA ARG D 94 -29.32 4.81 13.51
C ARG D 94 -28.44 3.86 12.66
N LYS D 95 -28.44 4.03 11.35
CA LYS D 95 -27.55 3.16 10.57
C LYS D 95 -26.17 3.80 10.53
N ALA D 96 -25.17 3.00 10.13
CA ALA D 96 -23.83 3.55 9.99
C ALA D 96 -23.23 4.13 11.26
N THR D 97 -23.26 3.37 12.35
CA THR D 97 -22.60 3.81 13.56
C THR D 97 -21.35 2.96 13.81
N LEU D 98 -20.47 3.53 14.63
CA LEU D 98 -19.32 2.79 15.11
C LEU D 98 -19.54 2.51 16.59
N GLU D 99 -19.36 1.25 16.96
CA GLU D 99 -19.47 0.85 18.36
C GLU D 99 -18.04 0.61 18.85
N LEU D 100 -17.50 1.51 19.68
CA LEU D 100 -16.13 1.33 20.13
C LEU D 100 -16.16 0.66 21.51
N THR D 101 -15.48 -0.47 21.64
CA THR D 101 -15.46 -1.21 22.90
C THR D 101 -14.17 -0.96 23.65
N HIS D 102 -14.33 -0.46 24.87
CA HIS D 102 -13.20 -0.25 25.76
C HIS D 102 -13.19 -1.31 26.86
N ASN D 103 -12.21 -2.20 26.81
CA ASN D 103 -12.07 -3.19 27.89
C ASN D 103 -11.22 -2.47 28.96
N TRP D 104 -11.81 -2.29 30.13
CA TRP D 104 -11.14 -1.50 31.16
C TRP D 104 -9.75 -2.00 31.47
N GLY D 105 -8.81 -1.06 31.52
CA GLY D 105 -7.42 -1.33 31.83
C GLY D 105 -6.43 -1.38 30.71
N THR D 106 -6.92 -1.49 29.46
CA THR D 106 -6.00 -1.61 28.34
C THR D 106 -5.15 -0.37 28.15
N GLU D 107 -5.64 0.80 28.51
CA GLU D 107 -4.91 2.05 28.33
C GLU D 107 -3.69 2.14 29.23
N ASP D 108 -3.64 1.35 30.30
CA ASP D 108 -2.51 1.38 31.22
C ASP D 108 -1.60 0.18 31.06
N ASP D 109 -1.87 -0.66 30.07
CA ASP D 109 -1.02 -1.82 29.81
C ASP D 109 -0.11 -1.55 28.62
N GLU D 110 1.17 -1.33 28.88
CA GLU D 110 2.13 -1.02 27.83
C GLU D 110 2.39 -2.13 26.84
N THR D 111 2.10 -3.38 27.16
CA THR D 111 2.31 -4.50 26.27
C THR D 111 1.07 -4.80 25.43
N GLN D 112 -0.05 -4.19 25.76
CA GLN D 112 -1.30 -4.45 25.04
C GLN D 112 -1.50 -3.55 23.83
N SER D 113 -2.08 -4.12 22.77
CA SER D 113 -2.47 -3.34 21.60
C SER D 113 -3.42 -4.21 20.77
N TYR D 114 -4.31 -3.55 20.03
CA TYR D 114 -5.22 -4.30 19.18
C TYR D 114 -4.62 -4.47 17.79
N HIS D 115 -5.14 -5.42 17.04
CA HIS D 115 -4.66 -5.72 15.69
C HIS D 115 -5.59 -5.11 14.65
N ASN D 116 -5.05 -4.44 13.65
CA ASN D 116 -5.91 -3.76 12.66
C ASN D 116 -6.41 -4.58 11.51
N GLY D 117 -6.02 -5.85 11.38
CA GLY D 117 -6.53 -6.72 10.33
C GLY D 117 -5.76 -6.67 9.02
N ASN D 118 -4.77 -5.80 8.92
CA ASN D 118 -4.05 -5.55 7.69
C ASN D 118 -2.68 -6.23 7.63
N SER D 119 -2.34 -6.98 8.66
CA SER D 119 -1.14 -7.81 8.62
C SER D 119 -1.55 -9.18 9.15
N ASP D 120 -0.82 -10.25 8.85
CA ASP D 120 -1.27 -11.57 9.33
C ASP D 120 -1.53 -11.59 10.82
N PRO D 121 -2.62 -12.20 11.24
CA PRO D 121 -3.61 -12.79 10.36
C PRO D 121 -4.66 -11.74 9.95
N ARG D 122 -4.88 -11.61 8.66
CA ARG D 122 -5.82 -10.61 8.15
C ARG D 122 -7.27 -11.02 8.17
N GLY D 123 -8.15 -10.01 8.10
CA GLY D 123 -9.60 -10.26 8.02
C GLY D 123 -10.23 -8.90 7.67
N PHE D 124 -10.74 -8.26 8.71
CA PHE D 124 -11.25 -6.90 8.61
C PHE D 124 -10.17 -6.05 7.93
N GLY D 125 -10.58 -5.10 7.10
CA GLY D 125 -9.61 -4.22 6.46
C GLY D 125 -9.71 -2.79 6.95
N HIS D 126 -10.91 -2.19 6.80
CA HIS D 126 -11.03 -0.79 7.14
C HIS D 126 -12.48 -0.30 7.19
N ILE D 127 -12.65 0.89 7.77
CA ILE D 127 -13.96 1.55 7.64
C ILE D 127 -13.70 2.62 6.59
N GLY D 128 -14.68 3.35 6.08
CA GLY D 128 -14.42 4.36 5.05
C GLY D 128 -15.44 5.50 5.18
N ILE D 129 -14.94 6.71 5.03
CA ILE D 129 -15.71 7.94 5.15
C ILE D 129 -15.77 8.62 3.79
N ALA D 130 -16.97 8.93 3.34
CA ALA D 130 -17.12 9.68 2.08
C ALA D 130 -17.06 11.17 2.43
N VAL D 131 -16.24 11.94 1.71
CA VAL D 131 -16.06 13.36 1.99
C VAL D 131 -16.24 14.16 0.70
N PRO D 132 -16.47 15.47 0.78
CA PRO D 132 -16.61 16.30 -0.40
C PRO D 132 -15.33 16.53 -1.18
N ASP D 133 -14.19 16.54 -0.49
CA ASP D 133 -12.92 16.85 -1.12
C ASP D 133 -11.83 16.11 -0.37
N VAL D 134 -11.27 15.08 -1.00
CA VAL D 134 -10.28 14.24 -0.34
C VAL D 134 -9.01 15.03 -0.09
N TYR D 135 -8.64 15.88 -1.04
CA TYR D 135 -7.40 16.63 -0.91
C TYR D 135 -7.46 17.66 0.20
N SER D 136 -8.52 18.46 0.30
CA SER D 136 -8.60 19.43 1.40
C SER D 136 -8.75 18.70 2.74
N ALA D 137 -9.51 17.61 2.76
CA ALA D 137 -9.67 16.82 3.98
C ALA D 137 -8.32 16.32 4.48
N CYS D 138 -7.48 15.79 3.59
CA CYS D 138 -6.19 15.25 4.00
C CYS D 138 -5.17 16.33 4.34
N LYS D 139 -5.28 17.50 3.72
CA LYS D 139 -4.44 18.63 4.08
C LYS D 139 -4.70 18.98 5.55
N ARG D 140 -5.98 18.98 5.96
CA ARG D 140 -6.31 19.25 7.36
C ARG D 140 -5.82 18.13 8.27
N PHE D 141 -6.00 16.87 7.81
CA PHE D 141 -5.52 15.74 8.61
C PHE D 141 -4.01 15.88 8.84
N GLU D 142 -3.25 16.30 7.84
CA GLU D 142 -1.82 16.50 7.97
C GLU D 142 -1.52 17.56 9.03
N GLU D 143 -2.23 18.66 8.99
CA GLU D 143 -2.10 19.76 9.94
C GLU D 143 -2.36 19.28 11.36
N LEU D 144 -3.30 18.34 11.51
CA LEU D 144 -3.63 17.79 12.82
C LEU D 144 -2.75 16.63 13.25
N GLY D 145 -1.76 16.20 12.47
CA GLY D 145 -0.86 15.14 12.90
C GLY D 145 -1.40 13.74 12.72
N VAL D 146 -2.42 13.58 11.88
CA VAL D 146 -3.00 12.27 11.62
C VAL D 146 -1.99 11.40 10.88
N LYS D 147 -1.94 10.12 11.27
CA LYS D 147 -1.04 9.17 10.62
C LYS D 147 -1.67 8.65 9.33
N PHE D 148 -0.89 8.62 8.25
CA PHE D 148 -1.43 8.13 6.99
C PHE D 148 -0.89 6.77 6.59
N VAL D 149 -1.75 5.99 5.94
CA VAL D 149 -1.40 4.75 5.28
C VAL D 149 -1.19 5.10 3.79
N LYS D 150 -2.04 5.97 3.28
CA LYS D 150 -1.96 6.43 1.89
C LYS D 150 -2.43 7.86 1.74
N LYS D 151 -1.54 8.75 1.28
CA LYS D 151 -1.95 10.14 1.02
C LYS D 151 -2.63 10.14 -0.34
N PRO D 152 -3.45 11.13 -0.63
CA PRO D 152 -4.19 11.12 -1.89
C PRO D 152 -3.32 11.24 -3.13
N ASP D 153 -2.18 11.92 -3.03
CA ASP D 153 -1.31 12.09 -4.18
C ASP D 153 -0.35 10.91 -4.33
N ASP D 154 -0.38 9.93 -3.43
CA ASP D 154 0.55 8.80 -3.52
C ASP D 154 -0.08 7.55 -4.11
N GLY D 155 0.77 6.72 -4.71
CA GLY D 155 0.29 5.44 -5.25
C GLY D 155 -0.32 5.62 -6.63
N LYS D 156 -0.74 4.50 -7.22
CA LYS D 156 -1.27 4.49 -8.57
C LYS D 156 -2.64 5.15 -8.67
N MET D 157 -3.49 4.90 -7.70
CA MET D 157 -4.83 5.48 -7.65
C MET D 157 -4.79 6.84 -6.96
N LYS D 158 -4.88 7.94 -7.69
CA LYS D 158 -4.84 9.24 -7.03
C LYS D 158 -6.22 9.63 -6.53
N GLY D 159 -6.26 10.53 -5.57
CA GLY D 159 -7.49 11.09 -5.06
C GLY D 159 -8.25 10.26 -4.05
N LEU D 160 -7.62 9.26 -3.51
CA LEU D 160 -8.19 8.38 -2.49
C LEU D 160 -7.12 8.24 -1.41
N ALA D 161 -7.53 8.24 -0.16
CA ALA D 161 -6.53 8.17 0.91
C ALA D 161 -6.94 7.11 1.92
N PHE D 162 -5.97 6.77 2.78
CA PHE D 162 -6.19 5.90 3.92
C PHE D 162 -5.47 6.54 5.10
N ILE D 163 -6.20 6.82 6.18
CA ILE D 163 -5.60 7.35 7.40
C ILE D 163 -5.74 6.25 8.45
N GLN D 164 -5.20 6.45 9.64
CA GLN D 164 -5.31 5.52 10.74
C GLN D 164 -5.83 6.21 12.00
N ASP D 165 -6.61 5.49 12.81
CA ASP D 165 -7.09 6.03 14.08
C ASP D 165 -6.04 5.74 15.15
N PRO D 166 -6.29 6.11 16.40
CA PRO D 166 -5.34 5.91 17.48
C PRO D 166 -4.97 4.46 17.72
N ASP D 167 -5.81 3.49 17.36
CA ASP D 167 -5.47 2.07 17.49
C ASP D 167 -4.82 1.53 16.23
N GLY D 168 -4.69 2.35 15.18
CA GLY D 168 -4.08 1.84 13.95
C GLY D 168 -5.10 1.31 12.96
N TYR D 169 -6.41 1.41 13.29
CA TYR D 169 -7.38 0.92 12.29
C TYR D 169 -7.38 1.82 11.06
N TRP D 170 -7.46 1.23 9.87
CA TRP D 170 -7.43 1.97 8.63
C TRP D 170 -8.80 2.59 8.32
N ILE D 171 -8.77 3.81 7.80
CA ILE D 171 -10.00 4.53 7.47
C ILE D 171 -9.80 5.12 6.08
N GLU D 172 -10.59 4.59 5.14
CA GLU D 172 -10.56 5.13 3.78
C GLU D 172 -11.24 6.48 3.73
N ILE D 173 -10.72 7.39 2.90
CA ILE D 173 -11.21 8.76 2.71
C ILE D 173 -11.45 8.87 1.20
N LEU D 174 -12.72 8.85 0.80
CA LEU D 174 -13.02 8.84 -0.64
C LEU D 174 -14.06 9.88 -1.02
N ASN D 175 -13.98 10.32 -2.28
CA ASN D 175 -15.03 11.24 -2.79
C ASN D 175 -15.81 10.41 -3.82
N PRO D 176 -17.02 9.98 -3.50
CA PRO D 176 -17.80 9.16 -4.39
C PRO D 176 -18.08 9.81 -5.74
N ASN D 177 -18.13 11.13 -5.85
CA ASN D 177 -18.41 11.80 -7.12
C ASN D 177 -17.23 11.84 -8.05
N LYS D 178 -16.06 11.38 -7.60
CA LYS D 178 -14.87 11.36 -8.44
C LYS D 178 -14.31 9.94 -8.58
N MET D 179 -14.93 8.94 -7.96
CA MET D 179 -14.43 7.57 -8.03
C MET D 179 -14.53 6.97 -9.42
N ALA D 180 -15.53 7.36 -10.20
CA ALA D 180 -15.71 6.84 -11.55
C ALA D 180 -14.59 7.26 -12.50
N THR D 181 -13.99 8.43 -12.28
CA THR D 181 -12.89 8.87 -13.13
C THR D 181 -11.57 8.23 -12.70
N LEU D 182 -11.47 7.84 -11.43
CA LEU D 182 -10.24 7.21 -10.94
C LEU D 182 -9.91 5.96 -11.73
N MET D 183 -8.33 5.89 -11.47
CA MET D 183 -7.59 4.69 -11.81
C MET D 183 -6.12 4.85 -11.40
#